data_3R4K
#
_entry.id   3R4K
#
_cell.length_a   203.983
_cell.length_b   75.523
_cell.length_c   77.010
_cell.angle_alpha   90.000
_cell.angle_beta   90.000
_cell.angle_gamma   90.000
#
_symmetry.space_group_name_H-M   'P 21 21 2'
#
loop_
_entity.id
_entity.type
_entity.pdbx_description
1 polymer 'Transcriptional regulator, IclR family'
2 non-polymer 1,2-ETHANEDIOL
3 water water
#
_entity_poly.entity_id   1
_entity_poly.type   'polypeptide(L)'
_entity_poly.pdbx_seq_one_letter_code
;G(MSE)GTVSKALTLLTYFNHGRLEIGLSDLTRLSG(MSE)NKATVYRL(MSE)SELQEAGFVEQVEGARSYRLGPQVLR
LAALREASVPILSASRRVLRELSEDTGETTHLSLLQGEQLASLSHAYSSRNATKV(MSE)(MSE)EDAEVLTFHGTASGL
AVLAYSEPSFVDAVLAAPLTARTPQTQTDPAAIRAEIAEVRRTGLAQSIGGFEAEVHSHAVPIFGPDRAVLGALAVAAPT
SR(MSE)TPDQKRTIPPALRAAGLSLTERIGGACPPEFPTDIAA
;
_entity_poly.pdbx_strand_id   A,B,C,D
#
loop_
_chem_comp.id
_chem_comp.type
_chem_comp.name
_chem_comp.formula
EDO non-polymer 1,2-ETHANEDIOL 'C2 H6 O2'
#
# COMPACT_ATOMS: atom_id res chain seq x y z
N MSE A 2 -33.20 20.87 -4.50
CA MSE A 2 -34.46 20.61 -5.22
C MSE A 2 -34.50 21.24 -6.63
O MSE A 2 -35.56 21.39 -7.22
CB MSE A 2 -35.71 21.05 -4.42
CG MSE A 2 -35.60 22.43 -3.80
SE MSE A 2 -34.91 22.32 -1.99
CE MSE A 2 -36.62 22.03 -1.01
N GLY A 3 -33.32 21.52 -7.16
CA GLY A 3 -33.12 22.02 -8.53
C GLY A 3 -33.33 20.92 -9.55
N THR A 4 -33.33 21.29 -10.86
CA THR A 4 -33.58 20.40 -11.99
C THR A 4 -32.52 19.29 -12.12
N VAL A 5 -31.24 19.55 -11.76
CA VAL A 5 -30.18 18.54 -11.83
C VAL A 5 -30.46 17.47 -10.74
N SER A 6 -30.76 17.92 -9.50
CA SER A 6 -31.11 17.11 -8.35
C SER A 6 -32.36 16.24 -8.62
N LYS A 7 -33.38 16.84 -9.27
CA LYS A 7 -34.64 16.18 -9.64
C LYS A 7 -34.39 15.02 -10.60
N ALA A 8 -33.55 15.27 -11.63
CA ALA A 8 -33.20 14.29 -12.64
C ALA A 8 -32.47 13.11 -12.03
N LEU A 9 -31.50 13.39 -11.13
CA LEU A 9 -30.70 12.35 -10.51
C LEU A 9 -31.50 11.53 -9.49
N THR A 10 -32.56 12.12 -8.90
CA THR A 10 -33.46 11.41 -7.96
C THR A 10 -34.21 10.30 -8.70
N LEU A 11 -34.56 10.53 -9.99
CA LEU A 11 -35.27 9.56 -10.81
C LEU A 11 -34.48 8.24 -10.94
N LEU A 12 -33.13 8.35 -11.00
CA LEU A 12 -32.22 7.21 -11.13
C LEU A 12 -32.21 6.32 -9.89
N THR A 13 -32.54 6.89 -8.71
CA THR A 13 -32.55 6.18 -7.42
C THR A 13 -33.65 5.10 -7.37
N TYR A 14 -34.70 5.24 -8.20
CA TYR A 14 -35.84 4.32 -8.21
C TYR A 14 -35.49 2.99 -8.89
N PHE A 15 -34.41 2.96 -9.69
CA PHE A 15 -33.90 1.74 -10.31
C PHE A 15 -33.14 0.96 -9.27
N ASN A 16 -33.37 -0.37 -9.21
CA ASN A 16 -32.67 -1.28 -8.30
C ASN A 16 -32.71 -2.67 -8.96
N HIS A 17 -31.94 -3.65 -8.45
CA HIS A 17 -31.88 -4.98 -9.03
C HIS A 17 -33.26 -5.65 -9.14
N GLY A 18 -34.25 -5.19 -8.34
CA GLY A 18 -35.63 -5.68 -8.38
C GLY A 18 -36.53 -4.87 -9.30
N ARG A 19 -36.03 -3.73 -9.81
CA ARG A 19 -36.74 -2.81 -10.70
C ARG A 19 -35.75 -2.19 -11.70
N LEU A 20 -35.39 -2.95 -12.75
CA LEU A 20 -34.39 -2.55 -13.73
C LEU A 20 -35.00 -1.75 -14.88
N GLU A 21 -36.31 -1.90 -15.08
CA GLU A 21 -37.06 -1.18 -16.11
C GLU A 21 -38.26 -0.50 -15.47
N ILE A 22 -38.42 0.80 -15.72
CA ILE A 22 -39.55 1.56 -15.19
C ILE A 22 -40.20 2.34 -16.31
N GLY A 23 -41.54 2.22 -16.39
CA GLY A 23 -42.37 2.94 -17.35
C GLY A 23 -42.54 4.39 -16.93
N LEU A 24 -42.89 5.27 -17.90
CA LEU A 24 -43.07 6.72 -17.65
C LEU A 24 -44.14 6.99 -16.57
N SER A 25 -45.25 6.23 -16.59
CA SER A 25 -46.37 6.37 -15.65
C SER A 25 -45.98 5.95 -14.23
N ASP A 26 -45.24 4.82 -14.09
CA ASP A 26 -44.77 4.34 -12.78
C ASP A 26 -43.72 5.28 -12.19
N LEU A 27 -42.87 5.89 -13.04
CA LEU A 27 -41.86 6.87 -12.63
C LEU A 27 -42.54 8.13 -12.11
N THR A 28 -43.65 8.52 -12.74
CA THR A 28 -44.44 9.69 -12.37
C THR A 28 -45.04 9.46 -10.97
N ARG A 29 -45.58 8.24 -10.70
CA ARG A 29 -46.18 7.86 -9.42
CA ARG A 29 -46.19 7.88 -9.42
C ARG A 29 -45.16 7.76 -8.31
N LEU A 30 -43.98 7.14 -8.59
CA LEU A 30 -42.91 6.96 -7.61
C LEU A 30 -42.23 8.27 -7.21
N SER A 31 -42.02 9.17 -8.18
CA SER A 31 -41.29 10.41 -7.97
C SER A 31 -42.16 11.55 -7.44
N GLY A 32 -43.43 11.58 -7.81
CA GLY A 32 -44.33 12.65 -7.40
C GLY A 32 -44.35 13.84 -8.35
N MSE A 33 -43.53 13.77 -9.42
CA MSE A 33 -43.41 14.81 -10.46
C MSE A 33 -44.46 14.60 -11.55
O MSE A 33 -44.97 13.49 -11.70
CB MSE A 33 -42.01 14.79 -11.09
CG MSE A 33 -40.86 14.74 -10.07
SE MSE A 33 -39.12 14.69 -10.91
CE MSE A 33 -38.12 14.03 -9.51
N ASN A 34 -44.77 15.65 -12.35
CA ASN A 34 -45.70 15.54 -13.49
C ASN A 34 -45.08 14.66 -14.57
N LYS A 35 -45.91 13.97 -15.36
CA LYS A 35 -45.49 13.11 -16.47
C LYS A 35 -44.55 13.83 -17.43
N ALA A 36 -44.91 15.09 -17.81
CA ALA A 36 -44.14 15.95 -18.71
C ALA A 36 -42.76 16.29 -18.15
N THR A 37 -42.66 16.52 -16.82
CA THR A 37 -41.40 16.80 -16.15
C THR A 37 -40.50 15.57 -16.24
N VAL A 38 -41.06 14.38 -15.87
CA VAL A 38 -40.37 13.09 -15.88
C VAL A 38 -39.87 12.80 -17.28
N TYR A 39 -40.73 12.99 -18.30
CA TYR A 39 -40.36 12.76 -19.70
C TYR A 39 -39.18 13.65 -20.14
N ARG A 40 -39.23 14.95 -19.79
CA ARG A 40 -38.22 15.95 -20.14
C ARG A 40 -36.85 15.63 -19.53
N LEU A 41 -36.85 15.25 -18.26
CA LEU A 41 -35.67 14.90 -17.48
C LEU A 41 -35.08 13.56 -17.96
N MSE A 42 -35.94 12.56 -18.25
CA MSE A 42 -35.47 11.25 -18.72
C MSE A 42 -34.88 11.35 -20.15
O MSE A 42 -33.96 10.62 -20.47
CB MSE A 42 -36.56 10.19 -18.65
CG MSE A 42 -36.95 9.81 -17.22
SE MSE A 42 -35.52 9.06 -16.14
CE MSE A 42 -35.63 7.32 -16.88
N SER A 43 -35.37 12.32 -20.95
CA SER A 43 -34.87 12.60 -22.30
C SER A 43 -33.46 13.17 -22.25
N GLU A 44 -33.23 14.06 -21.27
CA GLU A 44 -31.95 14.70 -21.02
C GLU A 44 -30.94 13.66 -20.53
N LEU A 45 -31.39 12.69 -19.71
CA LEU A 45 -30.54 11.61 -19.19
C LEU A 45 -30.21 10.63 -20.32
N GLN A 46 -31.16 10.44 -21.26
CA GLN A 46 -31.00 9.61 -22.45
C GLN A 46 -29.94 10.19 -23.41
N GLU A 47 -29.97 11.50 -23.64
CA GLU A 47 -28.99 12.16 -24.51
C GLU A 47 -27.55 12.03 -23.95
N ALA A 48 -27.43 11.96 -22.61
CA ALA A 48 -26.15 11.80 -21.91
C ALA A 48 -25.72 10.33 -21.81
N GLY A 49 -26.59 9.40 -22.19
CA GLY A 49 -26.31 7.98 -22.15
C GLY A 49 -26.51 7.34 -20.79
N PHE A 50 -27.20 8.02 -19.86
CA PHE A 50 -27.45 7.53 -18.52
C PHE A 50 -28.67 6.66 -18.49
N VAL A 51 -29.67 6.93 -19.35
CA VAL A 51 -30.87 6.10 -19.45
C VAL A 51 -31.13 5.79 -20.93
N GLU A 52 -31.93 4.74 -21.22
CA GLU A 52 -32.32 4.44 -22.59
C GLU A 52 -33.75 3.89 -22.60
N GLN A 53 -34.45 4.10 -23.72
CA GLN A 53 -35.82 3.61 -23.90
C GLN A 53 -35.74 2.16 -24.30
N VAL A 54 -36.59 1.30 -23.69
CA VAL A 54 -36.63 -0.13 -24.02
C VAL A 54 -37.57 -0.29 -25.24
N GLU A 55 -37.18 -1.10 -26.25
CA GLU A 55 -37.90 -1.34 -27.52
C GLU A 55 -39.43 -1.32 -27.36
N GLY A 56 -39.94 -2.12 -26.42
CA GLY A 56 -41.36 -2.21 -26.12
C GLY A 56 -41.86 -1.12 -25.19
N ALA A 57 -42.77 -0.27 -25.69
CA ALA A 57 -43.45 0.84 -24.99
C ALA A 57 -42.48 1.90 -24.42
N ARG A 58 -43.03 2.90 -23.68
CA ARG A 58 -42.32 4.02 -23.06
C ARG A 58 -41.83 3.62 -21.67
N SER A 59 -40.90 2.67 -21.67
CA SER A 59 -40.22 2.11 -20.52
C SER A 59 -38.76 2.56 -20.59
N TYR A 60 -38.13 2.74 -19.45
CA TYR A 60 -36.73 3.13 -19.41
C TYR A 60 -35.92 2.15 -18.61
N ARG A 61 -34.66 2.01 -18.99
CA ARG A 61 -33.66 1.24 -18.27
C ARG A 61 -32.39 2.07 -18.26
N LEU A 62 -31.44 1.69 -17.40
CA LEU A 62 -30.18 2.43 -17.31
C LEU A 62 -29.36 2.29 -18.61
N GLY A 63 -28.66 3.38 -18.93
CA GLY A 63 -27.86 3.53 -20.14
C GLY A 63 -26.41 3.07 -20.05
N PRO A 64 -25.71 3.00 -21.20
CA PRO A 64 -24.32 2.46 -21.19
C PRO A 64 -23.21 3.39 -20.76
N GLN A 65 -23.43 4.71 -20.77
CA GLN A 65 -22.36 5.68 -20.44
C GLN A 65 -21.88 5.70 -18.95
N VAL A 66 -22.55 4.99 -18.04
CA VAL A 66 -22.16 4.85 -16.64
C VAL A 66 -21.01 3.85 -16.53
N LEU A 67 -20.83 2.99 -17.54
CA LEU A 67 -19.80 1.94 -17.48
C LEU A 67 -18.36 2.50 -17.44
N ARG A 68 -18.09 3.52 -18.26
CA ARG A 68 -16.79 4.19 -18.34
C ARG A 68 -16.48 4.91 -17.02
N LEU A 69 -17.50 5.57 -16.44
CA LEU A 69 -17.39 6.32 -15.18
C LEU A 69 -17.17 5.39 -14.00
N ALA A 70 -17.83 4.22 -13.98
CA ALA A 70 -17.64 3.25 -12.92
C ALA A 70 -16.20 2.72 -12.92
N ALA A 71 -15.61 2.50 -14.13
CA ALA A 71 -14.23 2.01 -14.27
C ALA A 71 -13.22 3.03 -13.72
N LEU A 72 -13.49 4.33 -13.94
CA LEU A 72 -12.64 5.40 -13.45
C LEU A 72 -12.81 5.55 -11.94
N ARG A 73 -14.04 5.37 -11.41
CA ARG A 73 -14.33 5.42 -9.97
C ARG A 73 -13.55 4.29 -9.24
N GLU A 74 -13.61 3.07 -9.81
CA GLU A 74 -12.88 1.89 -9.28
C GLU A 74 -11.39 2.21 -9.20
N ALA A 75 -10.83 2.83 -10.25
CA ALA A 75 -9.40 3.20 -10.36
C ALA A 75 -9.04 4.26 -9.32
N SER A 76 -9.93 5.27 -9.13
CA SER A 76 -9.78 6.39 -8.19
C SER A 76 -9.85 5.94 -6.75
N VAL A 77 -10.86 5.12 -6.37
CA VAL A 77 -11.04 4.62 -5.01
C VAL A 77 -11.19 3.05 -5.03
N PRO A 78 -10.07 2.26 -4.94
CA PRO A 78 -10.22 0.80 -4.76
C PRO A 78 -10.85 0.47 -3.36
N ILE A 79 -11.53 -0.70 -3.16
CA ILE A 79 -12.20 -1.10 -1.86
C ILE A 79 -11.26 -0.92 -0.63
N LEU A 80 -9.96 -1.24 -0.78
CA LEU A 80 -9.03 -1.13 0.35
C LEU A 80 -8.72 0.33 0.69
N SER A 81 -8.77 1.22 -0.31
CA SER A 81 -8.57 2.66 -0.11
C SER A 81 -9.79 3.26 0.62
N ALA A 82 -11.01 2.81 0.25
CA ALA A 82 -12.27 3.22 0.89
C ALA A 82 -12.36 2.71 2.35
N SER A 83 -11.74 1.55 2.63
CA SER A 83 -11.75 0.93 3.95
C SER A 83 -10.94 1.71 4.98
N ARG A 84 -9.86 2.39 4.55
CA ARG A 84 -8.95 3.10 5.46
C ARG A 84 -9.66 3.98 6.48
N ARG A 85 -10.58 4.87 6.04
CA ARG A 85 -11.31 5.77 6.95
C ARG A 85 -12.32 5.01 7.81
N VAL A 86 -13.00 4.01 7.24
CA VAL A 86 -14.01 3.19 7.92
C VAL A 86 -13.37 2.42 9.07
N LEU A 87 -12.26 1.72 8.79
CA LEU A 87 -11.52 0.92 9.76
C LEU A 87 -10.99 1.80 10.90
N ARG A 88 -10.36 2.96 10.57
CA ARG A 88 -9.83 3.96 11.49
C ARG A 88 -10.90 4.42 12.47
N GLU A 89 -12.08 4.83 11.94
CA GLU A 89 -13.21 5.33 12.71
C GLU A 89 -13.82 4.26 13.59
N LEU A 90 -14.02 3.04 13.07
CA LEU A 90 -14.56 1.92 13.84
C LEU A 90 -13.63 1.51 14.99
N SER A 91 -12.30 1.52 14.74
CA SER A 91 -11.31 1.19 15.78
C SER A 91 -11.33 2.21 16.88
N GLU A 92 -11.60 3.47 16.55
CA GLU A 92 -11.66 4.54 17.54
C GLU A 92 -12.94 4.47 18.35
N ASP A 93 -14.06 4.12 17.71
CA ASP A 93 -15.36 4.01 18.36
C ASP A 93 -15.46 2.80 19.31
N THR A 94 -14.85 1.67 18.92
CA THR A 94 -14.91 0.41 19.69
C THR A 94 -13.72 0.22 20.62
N GLY A 95 -12.60 0.89 20.32
CA GLY A 95 -11.37 0.74 21.09
C GLY A 95 -10.65 -0.56 20.80
N GLU A 96 -11.08 -1.25 19.73
CA GLU A 96 -10.58 -2.56 19.32
C GLU A 96 -10.05 -2.59 17.88
N THR A 97 -9.36 -3.67 17.52
CA THR A 97 -8.79 -3.89 16.19
C THR A 97 -9.91 -4.20 15.21
N THR A 98 -9.89 -3.54 14.07
CA THR A 98 -10.88 -3.74 13.01
C THR A 98 -10.17 -4.27 11.76
N HIS A 99 -10.84 -5.10 10.96
CA HIS A 99 -10.22 -5.60 9.75
C HIS A 99 -11.24 -5.94 8.67
N LEU A 100 -10.83 -5.74 7.42
CA LEU A 100 -11.61 -6.06 6.23
C LEU A 100 -10.98 -7.26 5.56
N SER A 101 -11.79 -8.29 5.34
CA SER A 101 -11.35 -9.50 4.64
C SER A 101 -12.13 -9.62 3.36
N LEU A 102 -11.46 -10.07 2.29
CA LEU A 102 -12.09 -10.18 0.97
C LEU A 102 -11.96 -11.56 0.41
N LEU A 103 -12.97 -11.96 -0.38
CA LEU A 103 -12.94 -13.23 -1.09
C LEU A 103 -11.91 -13.15 -2.21
N GLN A 104 -10.90 -14.03 -2.16
CA GLN A 104 -9.86 -14.10 -3.17
C GLN A 104 -9.99 -15.49 -3.77
N GLY A 105 -10.96 -15.59 -4.67
CA GLY A 105 -11.32 -16.84 -5.31
C GLY A 105 -12.21 -17.62 -4.36
N GLU A 106 -11.73 -18.78 -3.92
CA GLU A 106 -12.47 -19.65 -3.00
C GLU A 106 -12.01 -19.47 -1.54
N GLN A 107 -11.07 -18.54 -1.26
CA GLN A 107 -10.62 -18.30 0.12
C GLN A 107 -10.93 -16.86 0.58
N LEU A 108 -10.93 -16.66 1.90
CA LEU A 108 -11.18 -15.37 2.53
C LEU A 108 -9.87 -14.87 3.18
N ALA A 109 -9.35 -13.72 2.70
CA ALA A 109 -8.08 -13.15 3.18
C ALA A 109 -8.23 -11.75 3.79
N SER A 110 -7.66 -11.53 5.02
CA SER A 110 -7.69 -10.23 5.69
C SER A 110 -6.71 -9.35 4.96
N LEU A 111 -7.19 -8.27 4.33
CA LEU A 111 -6.33 -7.46 3.47
C LEU A 111 -6.07 -6.01 3.96
N SER A 112 -6.83 -5.53 4.94
CA SER A 112 -6.61 -4.21 5.54
C SER A 112 -7.11 -4.25 6.96
N HIS A 113 -6.39 -3.57 7.86
CA HIS A 113 -6.76 -3.51 9.27
C HIS A 113 -6.39 -2.17 9.87
N ALA A 114 -6.93 -1.88 11.04
CA ALA A 114 -6.60 -0.70 11.83
C ALA A 114 -6.54 -1.06 13.32
N TYR A 115 -5.64 -0.40 14.04
CA TYR A 115 -5.48 -0.54 15.49
C TYR A 115 -6.05 0.70 16.17
N SER A 116 -6.64 0.54 17.35
CA SER A 116 -7.18 1.66 18.10
C SER A 116 -6.09 2.34 18.90
N SER A 117 -6.26 3.63 19.17
CA SER A 117 -5.30 4.38 19.98
C SER A 117 -5.50 4.09 21.47
N ARG A 118 -6.74 3.71 21.86
CA ARG A 118 -7.22 3.53 23.23
C ARG A 118 -6.50 2.46 24.08
N ASN A 119 -6.43 1.19 23.62
CA ASN A 119 -5.82 0.18 24.52
C ASN A 119 -4.45 -0.24 24.06
N ALA A 120 -3.51 -0.46 25.01
CA ALA A 120 -2.14 -0.90 24.72
C ALA A 120 -2.10 -2.38 24.33
N THR A 121 -2.98 -3.20 24.91
CA THR A 121 -3.08 -4.64 24.58
C THR A 121 -4.16 -4.75 23.49
N LYS A 122 -3.75 -5.21 22.30
CA LYS A 122 -4.60 -5.29 21.12
C LYS A 122 -4.57 -6.65 20.48
N VAL A 123 -5.58 -6.96 19.63
CA VAL A 123 -5.54 -8.14 18.79
C VAL A 123 -4.66 -7.76 17.59
N MSE A 124 -3.49 -8.39 17.46
CA MSE A 124 -2.58 -8.05 16.38
C MSE A 124 -2.84 -8.91 15.12
O MSE A 124 -3.24 -10.06 15.22
CB MSE A 124 -1.14 -8.19 16.84
CG MSE A 124 -0.17 -8.23 15.67
SE MSE A 124 1.69 -8.12 16.11
CE MSE A 124 2.33 -9.74 15.09
N MSE A 125 -2.65 -8.29 13.94
CA MSE A 125 -2.85 -8.88 12.63
C MSE A 125 -1.70 -8.64 11.69
O MSE A 125 -0.82 -7.79 11.93
CB MSE A 125 -4.08 -8.27 11.96
CG MSE A 125 -5.21 -8.05 12.90
SE MSE A 125 -6.77 -8.80 12.18
CE MSE A 125 -6.32 -10.75 12.07
N GLU A 126 -1.75 -9.36 10.57
CA GLU A 126 -0.87 -9.26 9.43
C GLU A 126 -1.77 -9.33 8.21
N ASP A 127 -1.51 -8.48 7.21
CA ASP A 127 -2.35 -8.53 6.02
C ASP A 127 -1.98 -9.76 5.20
N ALA A 128 -2.96 -10.28 4.45
CA ALA A 128 -2.93 -11.49 3.62
C ALA A 128 -3.06 -12.76 4.48
N GLU A 129 -3.53 -12.62 5.74
CA GLU A 129 -3.81 -13.76 6.60
C GLU A 129 -5.11 -14.44 6.10
N VAL A 130 -5.06 -15.76 5.92
CA VAL A 130 -6.21 -16.52 5.43
C VAL A 130 -7.08 -16.93 6.63
N LEU A 131 -8.37 -16.61 6.55
CA LEU A 131 -9.35 -16.89 7.60
C LEU A 131 -10.18 -18.11 7.23
N THR A 132 -10.56 -18.90 8.25
CA THR A 132 -11.39 -20.07 8.00
C THR A 132 -12.85 -19.61 7.86
N PHE A 133 -13.66 -20.34 7.07
CA PHE A 133 -15.06 -19.99 6.90
C PHE A 133 -15.88 -20.39 8.14
N HIS A 134 -15.46 -21.45 8.82
CA HIS A 134 -16.16 -22.00 9.97
C HIS A 134 -15.63 -21.49 11.33
N GLY A 135 -14.37 -21.05 11.39
CA GLY A 135 -13.75 -20.64 12.64
C GLY A 135 -13.65 -19.16 12.94
N THR A 136 -14.07 -18.31 11.99
CA THR A 136 -14.02 -16.85 12.20
C THR A 136 -15.41 -16.25 12.05
N ALA A 137 -15.66 -15.10 12.69
CA ALA A 137 -16.91 -14.36 12.54
C ALA A 137 -17.02 -13.87 11.09
N SER A 138 -15.87 -13.42 10.51
CA SER A 138 -15.76 -12.95 9.11
C SER A 138 -16.15 -14.06 8.15
N GLY A 139 -15.63 -15.27 8.38
CA GLY A 139 -15.93 -16.45 7.58
C GLY A 139 -17.39 -16.84 7.63
N LEU A 140 -18.00 -16.79 8.84
CA LEU A 140 -19.42 -17.12 9.03
C LEU A 140 -20.32 -16.08 8.36
N ALA A 141 -19.94 -14.78 8.44
CA ALA A 141 -20.66 -13.67 7.80
C ALA A 141 -20.70 -13.86 6.27
N VAL A 142 -19.57 -14.29 5.66
CA VAL A 142 -19.41 -14.53 4.22
C VAL A 142 -20.17 -15.79 3.81
N LEU A 143 -20.04 -16.89 4.58
CA LEU A 143 -20.71 -18.17 4.32
C LEU A 143 -22.23 -18.02 4.33
N ALA A 144 -22.74 -17.24 5.28
CA ALA A 144 -24.17 -17.02 5.46
C ALA A 144 -24.85 -16.36 4.24
N TYR A 145 -24.07 -15.65 3.42
CA TYR A 145 -24.61 -14.96 2.25
C TYR A 145 -23.99 -15.45 0.94
N SER A 146 -23.39 -16.65 1.00
CA SER A 146 -22.80 -17.35 -0.15
C SER A 146 -23.85 -18.31 -0.76
N GLU A 147 -23.58 -18.79 -1.99
CA GLU A 147 -24.45 -19.72 -2.70
C GLU A 147 -24.55 -21.06 -1.95
N PRO A 148 -25.76 -21.68 -1.89
CA PRO A 148 -25.89 -22.95 -1.17
C PRO A 148 -24.86 -24.00 -1.58
N SER A 149 -24.49 -24.03 -2.89
CA SER A 149 -23.48 -24.95 -3.44
C SER A 149 -22.08 -24.65 -2.86
N PHE A 150 -21.75 -23.35 -2.64
CA PHE A 150 -20.46 -22.95 -2.05
C PHE A 150 -20.40 -23.38 -0.59
N VAL A 151 -21.49 -23.17 0.17
CA VAL A 151 -21.62 -23.57 1.58
C VAL A 151 -21.51 -25.10 1.66
N ASP A 152 -22.18 -25.83 0.74
CA ASP A 152 -22.17 -27.30 0.66
C ASP A 152 -20.74 -27.82 0.47
N ALA A 153 -19.97 -27.19 -0.44
CA ALA A 153 -18.59 -27.52 -0.75
C ALA A 153 -17.68 -27.33 0.47
N VAL A 154 -17.76 -26.16 1.13
CA VAL A 154 -16.98 -25.79 2.32
C VAL A 154 -17.25 -26.77 3.48
N LEU A 155 -18.52 -27.14 3.69
CA LEU A 155 -18.92 -28.05 4.78
C LEU A 155 -18.73 -29.54 4.48
N ALA A 156 -18.57 -29.91 3.19
CA ALA A 156 -18.32 -31.32 2.81
C ALA A 156 -16.86 -31.68 3.14
N ALA A 157 -15.94 -30.73 2.88
CA ALA A 157 -14.52 -30.87 3.18
C ALA A 157 -14.29 -30.85 4.70
N PRO A 158 -13.49 -31.80 5.27
CA PRO A 158 -13.26 -31.80 6.73
C PRO A 158 -12.82 -30.44 7.27
N LEU A 159 -13.41 -30.06 8.41
CA LEU A 159 -13.19 -28.77 9.06
C LEU A 159 -12.09 -28.89 10.11
N THR A 160 -10.99 -28.14 9.90
CA THR A 160 -9.82 -28.13 10.76
C THR A 160 -10.10 -27.38 12.06
N ALA A 161 -9.67 -27.95 13.19
CA ALA A 161 -9.80 -27.32 14.50
C ALA A 161 -8.49 -26.62 14.83
N ARG A 162 -8.45 -25.30 14.57
CA ARG A 162 -7.27 -24.46 14.81
C ARG A 162 -7.00 -24.34 16.31
N THR A 163 -8.09 -24.22 17.10
CA THR A 163 -8.08 -24.13 18.55
C THR A 163 -9.03 -25.20 19.13
N PRO A 164 -9.00 -25.52 20.44
CA PRO A 164 -9.98 -26.51 20.97
C PRO A 164 -11.43 -26.00 20.96
N GLN A 165 -11.65 -24.69 20.70
CA GLN A 165 -12.97 -24.04 20.68
C GLN A 165 -13.57 -24.00 19.26
N THR A 166 -12.79 -24.33 18.19
CA THR A 166 -13.25 -24.30 16.80
C THR A 166 -14.40 -25.26 16.56
N GLN A 167 -15.43 -24.78 15.86
CA GLN A 167 -16.59 -25.61 15.52
C GLN A 167 -16.26 -26.58 14.38
N THR A 168 -16.33 -27.90 14.67
CA THR A 168 -16.04 -28.99 13.73
C THR A 168 -17.35 -29.64 13.17
N ASP A 169 -18.49 -29.48 13.87
CA ASP A 169 -19.78 -30.07 13.46
C ASP A 169 -20.42 -29.24 12.33
N PRO A 170 -20.57 -29.82 11.11
CA PRO A 170 -21.18 -29.05 10.00
C PRO A 170 -22.62 -28.61 10.27
N ALA A 171 -23.38 -29.42 11.04
CA ALA A 171 -24.77 -29.14 11.43
C ALA A 171 -24.82 -27.91 12.34
N ALA A 172 -23.83 -27.79 13.25
CA ALA A 172 -23.70 -26.67 14.17
C ALA A 172 -23.32 -25.39 13.42
N ILE A 173 -22.49 -25.53 12.36
CA ILE A 173 -22.07 -24.38 11.52
C ILE A 173 -23.28 -23.90 10.71
N ARG A 174 -24.07 -24.83 10.16
CA ARG A 174 -25.29 -24.51 9.40
C ARG A 174 -26.33 -23.79 10.28
N ALA A 175 -26.40 -24.17 11.57
CA ALA A 175 -27.30 -23.56 12.55
C ALA A 175 -26.87 -22.12 12.84
N GLU A 176 -25.54 -21.89 12.93
CA GLU A 176 -24.94 -20.58 13.15
C GLU A 176 -25.15 -19.69 11.92
N ILE A 177 -24.93 -20.23 10.69
CA ILE A 177 -25.15 -19.58 9.40
C ILE A 177 -26.57 -19.01 9.34
N ALA A 178 -27.58 -19.82 9.72
CA ALA A 178 -28.98 -19.43 9.68
C ALA A 178 -29.27 -18.26 10.60
N GLU A 179 -28.60 -18.22 11.77
CA GLU A 179 -28.76 -17.13 12.75
C GLU A 179 -28.12 -15.82 12.23
N VAL A 180 -26.97 -15.93 11.51
CA VAL A 180 -26.26 -14.78 10.93
C VAL A 180 -27.08 -14.22 9.75
N ARG A 181 -27.67 -15.10 8.90
CA ARG A 181 -28.54 -14.75 7.78
CA ARG A 181 -28.51 -14.70 7.77
C ARG A 181 -29.73 -13.91 8.27
N ARG A 182 -30.27 -14.31 9.42
CA ARG A 182 -31.43 -13.73 10.08
C ARG A 182 -31.14 -12.36 10.74
N THR A 183 -29.98 -12.21 11.39
CA THR A 183 -29.63 -10.99 12.14
C THR A 183 -28.68 -10.04 11.41
N GLY A 184 -28.00 -10.52 10.37
CA GLY A 184 -27.06 -9.71 9.58
C GLY A 184 -25.72 -9.45 10.23
N LEU A 185 -25.42 -10.19 11.32
CA LEU A 185 -24.19 -10.08 12.12
C LEU A 185 -23.75 -11.45 12.66
N ALA A 186 -22.44 -11.72 12.59
CA ALA A 186 -21.82 -12.95 13.07
C ALA A 186 -20.90 -12.67 14.25
N GLN A 187 -20.87 -13.63 15.19
CA GLN A 187 -20.02 -13.61 16.37
C GLN A 187 -19.25 -14.93 16.48
N SER A 188 -17.97 -14.88 16.92
CA SER A 188 -17.13 -16.05 17.11
C SER A 188 -16.14 -15.82 18.25
N ILE A 189 -16.12 -16.74 19.21
CA ILE A 189 -15.26 -16.68 20.38
C ILE A 189 -14.23 -17.81 20.30
N GLY A 190 -12.99 -17.40 20.09
CA GLY A 190 -11.81 -18.25 20.04
C GLY A 190 -11.79 -19.46 19.12
N GLY A 191 -12.39 -19.34 17.93
CA GLY A 191 -12.43 -20.39 16.91
C GLY A 191 -11.22 -20.37 15.99
N PHE A 192 -10.58 -19.19 15.83
CA PHE A 192 -9.38 -18.96 15.01
C PHE A 192 -8.16 -18.76 15.92
N GLU A 193 -8.34 -17.94 16.95
CA GLU A 193 -7.33 -17.62 17.96
C GLU A 193 -8.00 -17.67 19.32
N ALA A 194 -7.38 -18.41 20.27
CA ALA A 194 -7.92 -18.51 21.62
C ALA A 194 -7.92 -17.13 22.32
N GLU A 195 -9.01 -16.85 23.08
CA GLU A 195 -9.25 -15.62 23.86
C GLU A 195 -9.44 -14.36 22.98
N VAL A 196 -9.96 -14.57 21.75
CA VAL A 196 -10.31 -13.48 20.86
C VAL A 196 -11.80 -13.57 20.58
N HIS A 197 -12.54 -12.50 20.87
CA HIS A 197 -13.97 -12.39 20.63
C HIS A 197 -14.19 -11.46 19.44
N SER A 198 -14.67 -12.00 18.31
CA SER A 198 -14.89 -11.22 17.10
C SER A 198 -16.38 -11.07 16.74
N HIS A 199 -16.69 -9.93 16.11
CA HIS A 199 -17.99 -9.53 15.55
C HIS A 199 -17.77 -9.21 14.09
N ALA A 200 -18.65 -9.67 13.19
CA ALA A 200 -18.47 -9.37 11.76
C ALA A 200 -19.79 -9.23 11.02
N VAL A 201 -19.78 -8.36 10.01
CA VAL A 201 -20.91 -8.08 9.13
C VAL A 201 -20.46 -8.34 7.69
N PRO A 202 -21.33 -8.84 6.80
CA PRO A 202 -20.90 -9.02 5.40
C PRO A 202 -20.87 -7.69 4.63
N ILE A 203 -20.00 -7.63 3.61
CA ILE A 203 -19.86 -6.48 2.71
C ILE A 203 -20.34 -6.98 1.37
N PHE A 204 -21.27 -6.23 0.78
CA PHE A 204 -21.87 -6.62 -0.49
C PHE A 204 -21.42 -5.68 -1.57
N GLY A 205 -21.16 -6.23 -2.75
CA GLY A 205 -20.76 -5.45 -3.93
C GLY A 205 -21.91 -4.87 -4.72
N PRO A 206 -21.62 -4.12 -5.81
CA PRO A 206 -22.69 -3.53 -6.63
C PRO A 206 -23.69 -4.55 -7.22
N ASP A 207 -23.25 -5.80 -7.46
CA ASP A 207 -24.08 -6.88 -8.01
C ASP A 207 -24.92 -7.62 -6.91
N ARG A 208 -24.87 -7.15 -5.64
CA ARG A 208 -25.57 -7.70 -4.47
C ARG A 208 -24.93 -9.00 -3.95
N ALA A 209 -23.80 -9.44 -4.52
CA ALA A 209 -23.10 -10.64 -4.04
C ALA A 209 -22.18 -10.27 -2.90
N VAL A 210 -22.00 -11.20 -1.95
CA VAL A 210 -21.11 -11.00 -0.80
C VAL A 210 -19.64 -10.94 -1.33
N LEU A 211 -18.90 -9.85 -0.97
CA LEU A 211 -17.49 -9.59 -1.35
C LEU A 211 -16.49 -10.06 -0.29
N GLY A 212 -16.91 -9.90 0.95
CA GLY A 212 -16.10 -10.15 2.11
C GLY A 212 -16.82 -9.74 3.37
N ALA A 213 -16.05 -9.36 4.40
CA ALA A 213 -16.60 -9.01 5.69
C ALA A 213 -15.75 -7.98 6.41
N LEU A 214 -16.44 -7.12 7.19
CA LEU A 214 -15.87 -6.11 8.05
C LEU A 214 -15.99 -6.61 9.49
N ALA A 215 -14.87 -6.66 10.23
CA ALA A 215 -14.90 -7.23 11.57
C ALA A 215 -14.22 -6.38 12.63
N VAL A 216 -14.59 -6.67 13.90
CA VAL A 216 -14.03 -6.09 15.13
C VAL A 216 -13.51 -7.27 15.96
N ALA A 217 -12.19 -7.36 16.16
CA ALA A 217 -11.51 -8.40 16.96
C ALA A 217 -11.11 -7.84 18.28
N ALA A 218 -11.58 -8.44 19.35
CA ALA A 218 -11.29 -7.97 20.69
C ALA A 218 -10.82 -9.08 21.62
N PRO A 219 -10.03 -8.76 22.67
CA PRO A 219 -9.73 -9.80 23.67
C PRO A 219 -10.99 -10.15 24.43
N THR A 220 -11.16 -11.42 24.76
CA THR A 220 -12.31 -11.89 25.53
C THR A 220 -12.41 -11.11 26.87
N SER A 221 -11.26 -10.84 27.52
CA SER A 221 -11.15 -10.11 28.79
C SER A 221 -11.77 -8.69 28.73
N ARG A 222 -11.91 -8.11 27.52
CA ARG A 222 -12.48 -6.77 27.33
C ARG A 222 -13.92 -6.78 26.78
N MSE A 223 -14.50 -7.98 26.61
CA MSE A 223 -15.86 -8.10 26.09
C MSE A 223 -16.85 -7.91 27.25
O MSE A 223 -17.48 -8.88 27.73
CB MSE A 223 -16.05 -9.44 25.37
CG MSE A 223 -17.27 -9.44 24.46
SE MSE A 223 -17.39 -7.90 23.24
CE MSE A 223 -15.77 -8.14 22.36
N THR A 224 -16.96 -6.67 27.72
CA THR A 224 -17.82 -6.25 28.84
C THR A 224 -19.26 -6.11 28.37
N PRO A 225 -20.24 -6.03 29.32
CA PRO A 225 -21.64 -5.82 28.91
C PRO A 225 -21.81 -4.58 28.02
N ASP A 226 -21.10 -3.48 28.32
CA ASP A 226 -21.16 -2.24 27.55
C ASP A 226 -20.60 -2.44 26.14
N GLN A 227 -19.46 -3.16 26.00
CA GLN A 227 -18.84 -3.45 24.70
C GLN A 227 -19.74 -4.38 23.86
N LYS A 228 -20.38 -5.38 24.50
CA LYS A 228 -21.28 -6.31 23.83
C LYS A 228 -22.47 -5.59 23.22
N ARG A 229 -22.83 -4.42 23.76
CA ARG A 229 -23.97 -3.68 23.27
C ARG A 229 -23.58 -2.48 22.39
N THR A 230 -22.34 -2.00 22.47
CA THR A 230 -21.83 -0.88 21.66
C THR A 230 -21.20 -1.34 20.34
N ILE A 231 -20.49 -2.49 20.33
CA ILE A 231 -19.82 -2.97 19.12
C ILE A 231 -20.85 -3.26 17.99
N PRO A 232 -21.92 -4.07 18.20
CA PRO A 232 -22.85 -4.35 17.09
C PRO A 232 -23.46 -3.09 16.38
N PRO A 233 -24.03 -2.04 17.05
CA PRO A 233 -24.52 -0.88 16.27
C PRO A 233 -23.42 -0.14 15.49
N ALA A 234 -22.22 -0.01 16.09
CA ALA A 234 -21.09 0.67 15.48
C ALA A 234 -20.58 -0.09 14.25
N LEU A 235 -20.48 -1.44 14.35
CA LEU A 235 -20.03 -2.30 13.25
C LEU A 235 -21.05 -2.31 12.10
N ARG A 236 -22.36 -2.44 12.42
CA ARG A 236 -23.44 -2.44 11.42
C ARG A 236 -23.42 -1.17 10.58
N ALA A 237 -23.27 -0.01 11.25
CA ALA A 237 -23.19 1.31 10.63
C ALA A 237 -21.96 1.42 9.72
N ALA A 238 -20.78 0.98 10.21
CA ALA A 238 -19.52 1.02 9.45
C ALA A 238 -19.59 0.12 8.21
N GLY A 239 -20.22 -1.05 8.35
CA GLY A 239 -20.43 -1.98 7.24
C GLY A 239 -21.26 -1.38 6.11
N LEU A 240 -22.37 -0.68 6.46
CA LEU A 240 -23.25 -0.01 5.50
C LEU A 240 -22.54 1.16 4.84
N SER A 241 -21.76 1.92 5.63
CA SER A 241 -20.94 3.04 5.15
C SER A 241 -19.89 2.57 4.11
N LEU A 242 -19.25 1.40 4.33
CA LEU A 242 -18.28 0.85 3.39
C LEU A 242 -18.96 0.38 2.12
N THR A 243 -20.13 -0.29 2.27
CA THR A 243 -20.94 -0.80 1.17
C THR A 243 -21.28 0.39 0.24
N GLU A 244 -21.60 1.55 0.83
CA GLU A 244 -21.94 2.78 0.11
C GLU A 244 -20.72 3.35 -0.64
N ARG A 245 -19.49 3.34 -0.03
CA ARG A 245 -18.26 3.85 -0.68
C ARG A 245 -17.84 3.01 -1.90
N ILE A 246 -18.42 1.79 -2.07
CA ILE A 246 -18.10 0.92 -3.20
C ILE A 246 -19.33 0.69 -4.08
N GLY A 247 -20.42 1.43 -3.86
CA GLY A 247 -21.64 1.34 -4.65
C GLY A 247 -22.37 0.02 -4.54
N GLY A 248 -22.21 -0.63 -3.40
CA GLY A 248 -22.82 -1.94 -3.13
C GLY A 248 -24.31 -1.88 -2.86
N ALA A 249 -24.95 -3.04 -2.98
CA ALA A 249 -26.38 -3.20 -2.72
C ALA A 249 -26.59 -4.49 -1.93
N CYS A 250 -27.44 -4.41 -0.89
CA CYS A 250 -27.73 -5.53 0.00
C CYS A 250 -28.77 -6.43 -0.63
N PRO A 251 -28.66 -7.77 -0.49
CA PRO A 251 -29.72 -8.64 -1.02
C PRO A 251 -30.97 -8.58 -0.12
N PRO A 252 -32.19 -8.98 -0.59
CA PRO A 252 -33.39 -8.90 0.28
C PRO A 252 -33.27 -9.70 1.59
N GLU A 253 -32.54 -10.84 1.53
CA GLU A 253 -32.29 -11.76 2.66
C GLU A 253 -31.42 -11.13 3.79
N PHE A 254 -30.90 -9.89 3.57
CA PHE A 254 -30.09 -9.16 4.54
C PHE A 254 -30.95 -8.12 5.28
N PRO A 255 -31.02 -8.20 6.64
CA PRO A 255 -31.85 -7.26 7.40
C PRO A 255 -31.21 -5.88 7.58
N THR A 256 -32.00 -4.82 7.30
CA THR A 256 -31.63 -3.40 7.44
C THR A 256 -32.75 -2.67 8.21
N GLY B 3 -29.18 22.24 -22.00
CA GLY B 3 -29.82 21.84 -20.74
C GLY B 3 -28.87 21.71 -19.56
N THR B 4 -29.34 22.09 -18.35
CA THR B 4 -28.59 22.06 -17.10
C THR B 4 -28.18 20.61 -16.70
N VAL B 5 -29.05 19.60 -16.98
CA VAL B 5 -28.75 18.18 -16.70
C VAL B 5 -27.56 17.72 -17.57
N SER B 6 -27.66 18.00 -18.91
CA SER B 6 -26.65 17.65 -19.91
CA SER B 6 -26.64 17.62 -19.88
C SER B 6 -25.32 18.36 -19.63
N LYS B 7 -25.38 19.65 -19.15
CA LYS B 7 -24.20 20.48 -18.82
C LYS B 7 -23.43 19.84 -17.66
N ALA B 8 -24.17 19.43 -16.63
CA ALA B 8 -23.61 18.79 -15.45
C ALA B 8 -22.92 17.47 -15.80
N LEU B 9 -23.57 16.67 -16.63
CA LEU B 9 -23.02 15.36 -17.01
C LEU B 9 -21.82 15.49 -17.97
N THR B 10 -21.71 16.60 -18.72
CA THR B 10 -20.54 16.90 -19.59
C THR B 10 -19.27 17.10 -18.72
N LEU B 11 -19.44 17.66 -17.50
CA LEU B 11 -18.32 17.88 -16.58
C LEU B 11 -17.63 16.56 -16.19
N LEU B 12 -18.43 15.47 -16.11
CA LEU B 12 -17.94 14.12 -15.76
C LEU B 12 -17.05 13.53 -16.86
N THR B 13 -17.22 13.99 -18.12
CA THR B 13 -16.45 13.50 -19.28
C THR B 13 -14.98 13.91 -19.20
N TYR B 14 -14.64 14.93 -18.40
CA TYR B 14 -13.27 15.42 -18.26
C TYR B 14 -12.39 14.49 -17.41
N PHE B 15 -13.03 13.62 -16.62
CA PHE B 15 -12.34 12.59 -15.86
C PHE B 15 -11.93 11.45 -16.81
N ASN B 16 -10.69 10.97 -16.71
CA ASN B 16 -10.14 9.86 -17.51
C ASN B 16 -9.03 9.20 -16.68
N HIS B 17 -8.44 8.05 -17.12
CA HIS B 17 -7.43 7.33 -16.32
C HIS B 17 -6.18 8.17 -16.09
N GLY B 18 -5.99 9.19 -16.89
CA GLY B 18 -4.88 10.10 -16.71
C GLY B 18 -5.24 11.32 -15.87
N ARG B 19 -6.54 11.50 -15.57
CA ARG B 19 -7.05 12.64 -14.81
C ARG B 19 -8.23 12.19 -13.93
N LEU B 20 -7.91 11.54 -12.81
CA LEU B 20 -8.90 10.99 -11.88
C LEU B 20 -9.35 12.03 -10.84
N GLU B 21 -8.56 13.08 -10.65
CA GLU B 21 -8.81 14.18 -9.71
C GLU B 21 -8.70 15.50 -10.44
N ILE B 22 -9.72 16.35 -10.33
CA ILE B 22 -9.71 17.67 -10.98
C ILE B 22 -10.13 18.74 -9.97
N GLY B 23 -9.36 19.83 -9.92
CA GLY B 23 -9.68 21.00 -9.11
C GLY B 23 -10.73 21.87 -9.79
N LEU B 24 -11.44 22.73 -9.03
CA LEU B 24 -12.49 23.61 -9.55
C LEU B 24 -12.00 24.55 -10.67
N SER B 25 -10.76 25.10 -10.52
CA SER B 25 -10.15 26.03 -11.48
C SER B 25 -9.81 25.31 -12.80
N ASP B 26 -9.23 24.11 -12.72
CA ASP B 26 -8.89 23.31 -13.90
C ASP B 26 -10.13 22.88 -14.65
N LEU B 27 -11.20 22.57 -13.91
CA LEU B 27 -12.47 22.15 -14.47
C LEU B 27 -13.15 23.33 -15.20
N THR B 28 -13.02 24.56 -14.66
CA THR B 28 -13.54 25.80 -15.24
C THR B 28 -12.85 26.04 -16.60
N ARG B 29 -11.51 25.87 -16.61
CA ARG B 29 -10.60 25.99 -17.77
C ARG B 29 -10.98 25.01 -18.88
N LEU B 30 -11.19 23.71 -18.51
CA LEU B 30 -11.53 22.61 -19.42
C LEU B 30 -12.92 22.68 -20.01
N SER B 31 -13.91 23.07 -19.20
CA SER B 31 -15.32 23.10 -19.63
C SER B 31 -15.72 24.37 -20.39
N GLY B 32 -15.08 25.48 -20.05
CA GLY B 32 -15.40 26.78 -20.66
C GLY B 32 -16.52 27.52 -19.96
N MSE B 33 -17.06 26.91 -18.90
CA MSE B 33 -18.13 27.48 -18.07
C MSE B 33 -17.52 28.35 -16.98
O MSE B 33 -16.34 28.17 -16.64
CB MSE B 33 -19.01 26.35 -17.43
CG MSE B 33 -19.43 25.23 -18.38
SE MSE B 33 -20.47 23.87 -17.44
CE MSE B 33 -20.38 22.44 -18.72
N ASN B 34 -18.32 29.28 -16.39
CA ASN B 34 -17.86 30.12 -15.29
C ASN B 34 -17.63 29.28 -14.06
N LYS B 35 -16.70 29.70 -13.17
CA LYS B 35 -16.35 28.98 -11.93
C LYS B 35 -17.59 28.69 -11.10
N ALA B 36 -18.49 29.70 -10.94
CA ALA B 36 -19.74 29.64 -10.19
C ALA B 36 -20.70 28.60 -10.76
N THR B 37 -20.77 28.49 -12.11
CA THR B 37 -21.62 27.49 -12.79
C THR B 37 -21.09 26.11 -12.48
N VAL B 38 -19.77 25.90 -12.66
CA VAL B 38 -19.08 24.63 -12.41
C VAL B 38 -19.28 24.22 -10.96
N TYR B 39 -19.09 25.15 -10.01
CA TYR B 39 -19.25 24.90 -8.58
C TYR B 39 -20.69 24.46 -8.23
N ARG B 40 -21.73 25.14 -8.80
CA ARG B 40 -23.13 24.79 -8.54
C ARG B 40 -23.48 23.41 -9.09
N LEU B 41 -23.04 23.12 -10.33
CA LEU B 41 -23.30 21.85 -10.99
C LEU B 41 -22.58 20.72 -10.27
N MSE B 42 -21.30 20.93 -9.87
CA MSE B 42 -20.52 19.91 -9.17
C MSE B 42 -21.07 19.68 -7.76
O MSE B 42 -20.99 18.53 -7.29
CB MSE B 42 -19.02 20.25 -9.12
CG MSE B 42 -18.34 20.18 -10.46
SE MSE B 42 -18.33 18.42 -11.27
CE MSE B 42 -16.88 17.68 -10.30
N SER B 43 -21.67 20.70 -7.09
CA SER B 43 -22.23 20.50 -5.75
C SER B 43 -23.55 19.71 -5.84
N GLU B 44 -24.28 19.90 -6.95
CA GLU B 44 -25.52 19.15 -7.21
C GLU B 44 -25.18 17.68 -7.47
N LEU B 45 -24.07 17.41 -8.18
CA LEU B 45 -23.58 16.06 -8.45
C LEU B 45 -23.04 15.43 -7.17
N GLN B 46 -22.41 16.24 -6.30
CA GLN B 46 -21.85 15.82 -5.02
C GLN B 46 -22.96 15.38 -4.07
N GLU B 47 -24.07 16.16 -3.99
CA GLU B 47 -25.22 15.85 -3.13
C GLU B 47 -25.82 14.48 -3.52
N ALA B 48 -25.78 14.15 -4.83
CA ALA B 48 -26.30 12.91 -5.39
C ALA B 48 -25.30 11.73 -5.32
N GLY B 49 -24.05 11.99 -4.93
CA GLY B 49 -23.02 10.96 -4.82
C GLY B 49 -22.33 10.60 -6.11
N PHE B 50 -22.45 11.47 -7.12
CA PHE B 50 -21.83 11.25 -8.43
C PHE B 50 -20.41 11.76 -8.46
N VAL B 51 -20.13 12.78 -7.63
CA VAL B 51 -18.79 13.34 -7.44
C VAL B 51 -18.56 13.48 -5.95
N GLU B 52 -17.30 13.61 -5.54
CA GLU B 52 -16.97 13.80 -4.14
C GLU B 52 -15.65 14.53 -4.02
N GLN B 53 -15.44 15.16 -2.88
CA GLN B 53 -14.20 15.88 -2.65
C GLN B 53 -13.12 14.85 -2.29
N VAL B 54 -11.93 15.02 -2.89
CA VAL B 54 -10.79 14.14 -2.68
C VAL B 54 -10.27 14.33 -1.27
N GLU B 55 -10.24 13.24 -0.48
CA GLU B 55 -9.79 13.12 0.91
C GLU B 55 -9.07 14.39 1.45
N GLY B 56 -7.76 14.49 1.27
CA GLY B 56 -6.95 15.61 1.75
C GLY B 56 -7.04 16.88 0.93
N ALA B 57 -7.04 16.75 -0.41
CA ALA B 57 -7.06 17.86 -1.37
C ALA B 57 -8.39 18.62 -1.44
N ARG B 58 -8.40 19.71 -2.21
CA ARG B 58 -9.57 20.55 -2.46
C ARG B 58 -10.06 20.27 -3.90
N SER B 59 -9.63 19.10 -4.46
CA SER B 59 -9.99 18.63 -5.79
C SER B 59 -11.19 17.68 -5.77
N TYR B 60 -11.77 17.45 -6.94
CA TYR B 60 -12.91 16.59 -7.16
C TYR B 60 -12.49 15.27 -7.75
N ARG B 61 -13.22 14.22 -7.45
CA ARG B 61 -13.08 12.89 -8.05
C ARG B 61 -14.49 12.32 -8.30
N LEU B 62 -14.59 11.14 -8.89
CA LEU B 62 -15.90 10.55 -9.13
C LEU B 62 -16.44 9.90 -7.85
N GLY B 63 -17.75 9.95 -7.70
CA GLY B 63 -18.45 9.41 -6.53
C GLY B 63 -18.90 7.97 -6.70
N PRO B 64 -19.38 7.31 -5.62
CA PRO B 64 -19.70 5.88 -5.74
C PRO B 64 -21.00 5.56 -6.48
N GLN B 65 -21.87 6.55 -6.79
CA GLN B 65 -23.16 6.32 -7.46
C GLN B 65 -23.05 5.65 -8.80
N VAL B 66 -21.98 5.97 -9.53
CA VAL B 66 -21.80 5.44 -10.88
C VAL B 66 -21.60 3.93 -10.83
N LEU B 67 -21.00 3.40 -9.74
CA LEU B 67 -20.78 1.95 -9.52
C LEU B 67 -22.12 1.21 -9.38
N ARG B 68 -23.09 1.80 -8.63
CA ARG B 68 -24.42 1.25 -8.41
C ARG B 68 -25.18 1.19 -9.74
N LEU B 69 -25.10 2.25 -10.55
CA LEU B 69 -25.76 2.36 -11.84
C LEU B 69 -25.14 1.43 -12.88
N ALA B 70 -23.81 1.24 -12.86
CA ALA B 70 -23.16 0.33 -13.81
C ALA B 70 -23.59 -1.10 -13.53
N ALA B 71 -23.79 -1.47 -12.24
CA ALA B 71 -24.23 -2.80 -11.84
C ALA B 71 -25.63 -3.10 -12.33
N LEU B 72 -26.52 -2.07 -12.31
CA LEU B 72 -27.89 -2.21 -12.80
C LEU B 72 -27.90 -2.31 -14.34
N ARG B 73 -27.05 -1.53 -15.01
CA ARG B 73 -26.85 -1.58 -16.45
C ARG B 73 -26.39 -2.98 -16.85
N GLU B 74 -25.43 -3.53 -16.10
CA GLU B 74 -24.88 -4.87 -16.33
C GLU B 74 -25.90 -5.97 -16.04
N ALA B 75 -26.83 -5.76 -15.10
CA ALA B 75 -27.91 -6.71 -14.85
C ALA B 75 -28.87 -6.70 -16.04
N SER B 76 -29.08 -5.52 -16.66
CA SER B 76 -29.91 -5.40 -17.87
C SER B 76 -29.19 -5.98 -19.13
N VAL B 77 -27.90 -5.55 -19.37
CA VAL B 77 -27.06 -5.95 -20.52
C VAL B 77 -25.72 -6.48 -19.98
N PRO B 78 -25.63 -7.80 -19.70
CA PRO B 78 -24.42 -8.35 -19.03
C PRO B 78 -23.20 -8.49 -19.96
N ILE B 79 -22.78 -7.41 -20.58
CA ILE B 79 -21.69 -7.50 -21.52
C ILE B 79 -20.31 -7.68 -20.84
N LEU B 80 -19.92 -6.86 -19.87
CA LEU B 80 -18.59 -6.96 -19.26
C LEU B 80 -18.45 -8.22 -18.39
N SER B 81 -19.56 -8.68 -17.80
CA SER B 81 -19.60 -9.90 -16.98
C SER B 81 -19.43 -11.11 -17.89
N ALA B 82 -20.10 -11.10 -19.07
CA ALA B 82 -20.02 -12.17 -20.07
C ALA B 82 -18.66 -12.21 -20.74
N SER B 83 -17.97 -11.05 -20.83
CA SER B 83 -16.68 -10.95 -21.48
C SER B 83 -15.56 -11.63 -20.70
N ARG B 84 -15.65 -11.65 -19.34
CA ARG B 84 -14.63 -12.21 -18.45
C ARG B 84 -14.18 -13.60 -18.90
N ARG B 85 -15.12 -14.54 -19.13
CA ARG B 85 -14.84 -15.90 -19.57
C ARG B 85 -14.24 -15.93 -21.01
N VAL B 86 -14.80 -15.15 -21.95
CA VAL B 86 -14.45 -15.05 -23.37
C VAL B 86 -13.02 -14.54 -23.48
N LEU B 87 -12.71 -13.44 -22.73
CA LEU B 87 -11.40 -12.79 -22.69
C LEU B 87 -10.33 -13.75 -22.17
N ARG B 88 -10.60 -14.41 -21.04
CA ARG B 88 -9.72 -15.37 -20.39
C ARG B 88 -9.36 -16.52 -21.35
N GLU B 89 -10.37 -17.11 -22.01
CA GLU B 89 -10.20 -18.22 -22.94
C GLU B 89 -9.42 -17.77 -24.21
N LEU B 90 -9.74 -16.62 -24.78
CA LEU B 90 -9.05 -16.11 -25.97
C LEU B 90 -7.58 -15.78 -25.66
N SER B 91 -7.28 -15.23 -24.47
CA SER B 91 -5.92 -14.91 -24.05
C SER B 91 -5.10 -16.17 -23.87
N GLU B 92 -5.72 -17.23 -23.40
CA GLU B 92 -5.05 -18.50 -23.20
C GLU B 92 -4.77 -19.15 -24.57
N ASP B 93 -5.74 -19.09 -25.52
CA ASP B 93 -5.63 -19.69 -26.84
C ASP B 93 -4.60 -19.02 -27.75
N THR B 94 -4.53 -17.68 -27.69
CA THR B 94 -3.62 -16.86 -28.51
C THR B 94 -2.29 -16.57 -27.83
N GLY B 95 -2.25 -16.66 -26.50
CA GLY B 95 -1.05 -16.35 -25.73
C GLY B 95 -0.80 -14.86 -25.64
N GLU B 96 -1.83 -14.05 -26.05
CA GLU B 96 -1.74 -12.61 -26.11
C GLU B 96 -2.83 -11.89 -25.27
N THR B 97 -2.69 -10.57 -25.09
CA THR B 97 -3.65 -9.74 -24.37
C THR B 97 -4.90 -9.56 -25.21
N THR B 98 -6.06 -9.75 -24.58
CA THR B 98 -7.34 -9.57 -25.23
C THR B 98 -8.09 -8.44 -24.53
N HIS B 99 -8.93 -7.70 -25.26
CA HIS B 99 -9.69 -6.62 -24.64
C HIS B 99 -10.98 -6.33 -25.38
N LEU B 100 -11.99 -5.94 -24.61
CA LEU B 100 -13.29 -5.53 -25.10
C LEU B 100 -13.43 -4.02 -24.93
N SER B 101 -13.74 -3.34 -26.01
CA SER B 101 -13.95 -1.90 -25.99
C SER B 101 -15.40 -1.61 -26.37
N LEU B 102 -16.02 -0.65 -25.68
CA LEU B 102 -17.41 -0.31 -25.94
C LEU B 102 -17.57 1.15 -26.29
N LEU B 103 -18.57 1.42 -27.14
CA LEU B 103 -18.93 2.78 -27.48
C LEU B 103 -19.54 3.45 -26.27
N GLN B 104 -18.93 4.54 -25.84
CA GLN B 104 -19.38 5.34 -24.72
C GLN B 104 -19.72 6.69 -25.33
N GLY B 105 -20.91 6.75 -25.88
CA GLY B 105 -21.35 7.92 -26.62
C GLY B 105 -20.66 7.98 -27.96
N GLU B 106 -19.85 9.03 -28.15
CA GLU B 106 -19.07 9.35 -29.36
CA GLU B 106 -19.10 9.28 -29.40
C GLU B 106 -17.67 8.71 -29.32
N GLN B 107 -17.27 8.20 -28.14
CA GLN B 107 -15.93 7.63 -27.93
C GLN B 107 -15.94 6.10 -27.80
N LEU B 108 -14.78 5.46 -28.05
CA LEU B 108 -14.58 4.02 -27.89
C LEU B 108 -13.60 3.81 -26.76
N ALA B 109 -14.05 3.13 -25.69
CA ALA B 109 -13.23 2.89 -24.49
C ALA B 109 -13.01 1.41 -24.24
N SER B 110 -11.80 1.03 -23.85
CA SER B 110 -11.48 -0.36 -23.47
C SER B 110 -11.96 -0.53 -22.04
N LEU B 111 -12.93 -1.43 -21.81
CA LEU B 111 -13.53 -1.53 -20.48
C LEU B 111 -13.31 -2.87 -19.75
N SER B 112 -12.77 -3.88 -20.44
CA SER B 112 -12.43 -5.17 -19.84
C SER B 112 -11.30 -5.78 -20.65
N HIS B 113 -10.33 -6.38 -19.98
CA HIS B 113 -9.20 -7.04 -20.64
C HIS B 113 -8.78 -8.28 -19.87
N ALA B 114 -7.96 -9.10 -20.49
CA ALA B 114 -7.36 -10.28 -19.89
C ALA B 114 -5.94 -10.43 -20.39
N TYR B 115 -5.06 -10.94 -19.51
CA TYR B 115 -3.66 -11.22 -19.80
C TYR B 115 -3.45 -12.74 -19.89
N SER B 116 -2.58 -13.15 -20.81
CA SER B 116 -2.23 -14.55 -20.94
C SER B 116 -1.11 -14.88 -19.97
N SER B 117 -1.03 -16.15 -19.51
CA SER B 117 0.04 -16.58 -18.60
C SER B 117 1.24 -17.10 -19.39
N ARG B 118 1.10 -17.28 -20.73
CA ARG B 118 2.09 -17.92 -21.59
C ARG B 118 3.44 -17.23 -21.60
N ASN B 119 3.45 -15.90 -21.86
CA ASN B 119 4.66 -15.08 -21.98
C ASN B 119 4.78 -14.12 -20.82
N ALA B 120 6.00 -13.80 -20.38
CA ALA B 120 6.17 -12.79 -19.33
C ALA B 120 6.04 -11.36 -19.89
N THR B 121 6.33 -11.18 -21.20
CA THR B 121 6.24 -9.90 -21.91
C THR B 121 4.90 -9.85 -22.61
N LYS B 122 4.13 -8.77 -22.39
CA LYS B 122 2.82 -8.63 -23.01
C LYS B 122 2.38 -7.20 -23.23
N VAL B 123 1.30 -7.04 -24.00
CA VAL B 123 0.72 -5.73 -24.24
C VAL B 123 -0.10 -5.39 -22.97
N MSE B 124 0.33 -4.37 -22.21
CA MSE B 124 -0.33 -3.97 -20.97
C MSE B 124 -1.40 -2.90 -21.26
O MSE B 124 -1.28 -2.09 -22.18
CB MSE B 124 0.71 -3.46 -19.97
CG MSE B 124 0.62 -4.02 -18.51
SE MSE B 124 1.73 -5.58 -17.96
CE MSE B 124 0.52 -6.86 -18.26
N MSE B 125 -2.49 -2.95 -20.47
CA MSE B 125 -3.66 -2.06 -20.59
C MSE B 125 -4.13 -1.55 -19.25
O MSE B 125 -3.75 -2.05 -18.18
CB MSE B 125 -4.86 -2.79 -21.21
CG MSE B 125 -4.49 -3.71 -22.31
SE MSE B 125 -5.59 -3.36 -23.75
CE MSE B 125 -5.11 -1.50 -24.25
N GLU B 126 -5.03 -0.57 -19.34
CA GLU B 126 -5.76 0.03 -18.23
C GLU B 126 -7.19 0.16 -18.69
N ASP B 127 -8.15 -0.15 -17.82
CA ASP B 127 -9.54 -0.01 -18.24
C ASP B 127 -9.90 1.47 -18.26
N ALA B 128 -10.86 1.82 -19.15
CA ALA B 128 -11.38 3.15 -19.47
C ALA B 128 -10.40 3.93 -20.37
N GLU B 129 -9.45 3.22 -21.02
CA GLU B 129 -8.53 3.82 -21.98
C GLU B 129 -9.31 4.11 -23.27
N VAL B 130 -9.21 5.33 -23.77
CA VAL B 130 -9.89 5.75 -24.98
C VAL B 130 -9.01 5.36 -26.20
N LEU B 131 -9.63 4.63 -27.14
CA LEU B 131 -9.01 4.17 -28.37
C LEU B 131 -9.38 5.06 -29.53
N THR B 132 -8.46 5.28 -30.46
CA THR B 132 -8.76 6.13 -31.62
C THR B 132 -9.53 5.28 -32.65
N PHE B 133 -10.40 5.91 -33.43
CA PHE B 133 -11.16 5.19 -34.44
C PHE B 133 -10.29 4.84 -35.63
N HIS B 134 -9.27 5.67 -35.91
CA HIS B 134 -8.39 5.50 -37.04
C HIS B 134 -7.08 4.75 -36.74
N GLY B 135 -6.63 4.79 -35.49
CA GLY B 135 -5.35 4.21 -35.12
C GLY B 135 -5.36 2.86 -34.44
N THR B 136 -6.55 2.30 -34.19
CA THR B 136 -6.65 0.97 -33.54
C THR B 136 -7.46 0.03 -34.42
N ALA B 137 -7.20 -1.29 -34.30
CA ALA B 137 -7.98 -2.31 -34.99
C ALA B 137 -9.43 -2.26 -34.46
N SER B 138 -9.60 -2.05 -33.12
CA SER B 138 -10.91 -1.95 -32.46
C SER B 138 -11.71 -0.79 -33.04
N GLY B 139 -11.06 0.36 -33.19
CA GLY B 139 -11.64 1.57 -33.76
C GLY B 139 -12.07 1.38 -35.20
N LEU B 140 -11.24 0.70 -36.02
CA LEU B 140 -11.54 0.43 -37.43
C LEU B 140 -12.70 -0.56 -37.56
N ALA B 141 -12.76 -1.57 -36.68
CA ALA B 141 -13.84 -2.56 -36.64
C ALA B 141 -15.20 -1.89 -36.36
N VAL B 142 -15.22 -0.90 -35.44
CA VAL B 142 -16.39 -0.13 -35.03
C VAL B 142 -16.77 0.85 -36.16
N LEU B 143 -15.81 1.60 -36.74
CA LEU B 143 -16.14 2.53 -37.85
C LEU B 143 -16.71 1.81 -39.05
N ALA B 144 -16.18 0.61 -39.36
CA ALA B 144 -16.60 -0.15 -40.53
C ALA B 144 -18.10 -0.48 -40.50
N TYR B 145 -18.70 -0.58 -39.30
CA TYR B 145 -20.11 -0.92 -39.15
C TYR B 145 -20.92 0.20 -38.48
N SER B 146 -20.37 1.43 -38.51
CA SER B 146 -21.00 2.65 -38.02
C SER B 146 -21.74 3.33 -39.19
N GLU B 147 -22.64 4.28 -38.84
CA GLU B 147 -23.44 5.02 -39.83
C GLU B 147 -22.53 5.90 -40.69
N PRO B 148 -22.79 6.00 -42.02
CA PRO B 148 -21.95 6.86 -42.88
C PRO B 148 -21.75 8.28 -42.33
N SER B 149 -22.78 8.86 -41.69
CA SER B 149 -22.72 10.20 -41.06
C SER B 149 -21.71 10.22 -39.89
N PHE B 150 -21.63 9.12 -39.11
CA PHE B 150 -20.69 9.01 -37.98
C PHE B 150 -19.25 8.91 -38.49
N VAL B 151 -19.04 8.09 -39.53
CA VAL B 151 -17.75 7.91 -40.20
C VAL B 151 -17.32 9.25 -40.80
N ASP B 152 -18.26 9.99 -41.44
CA ASP B 152 -18.03 11.30 -42.06
C ASP B 152 -17.56 12.31 -41.03
N ALA B 153 -18.21 12.34 -39.85
CA ALA B 153 -17.87 13.22 -38.73
C ALA B 153 -16.44 12.94 -38.20
N VAL B 154 -16.14 11.66 -37.94
CA VAL B 154 -14.85 11.18 -37.41
C VAL B 154 -13.70 11.56 -38.38
N LEU B 155 -13.93 11.37 -39.70
CA LEU B 155 -12.93 11.61 -40.73
C LEU B 155 -12.82 13.07 -41.17
N ALA B 156 -13.83 13.90 -40.87
CA ALA B 156 -13.80 15.33 -41.21
C ALA B 156 -12.85 16.05 -40.25
N ALA B 157 -12.86 15.66 -38.96
CA ALA B 157 -11.99 16.19 -37.92
C ALA B 157 -10.55 15.70 -38.17
N PRO B 158 -9.51 16.60 -38.19
CA PRO B 158 -8.12 16.10 -38.44
C PRO B 158 -7.74 14.98 -37.47
N LEU B 159 -7.04 13.97 -38.03
CA LEU B 159 -6.65 12.73 -37.35
C LEU B 159 -5.26 12.86 -36.75
N THR B 160 -5.18 12.70 -35.41
CA THR B 160 -3.92 12.86 -34.70
CA THR B 160 -3.93 12.84 -34.66
C THR B 160 -3.03 11.61 -34.86
N ALA B 161 -1.71 11.86 -35.02
CA ALA B 161 -0.71 10.80 -35.17
C ALA B 161 -0.07 10.53 -33.81
N ARG B 162 -0.55 9.49 -33.12
CA ARG B 162 -0.08 9.07 -31.80
C ARG B 162 1.35 8.51 -31.90
N THR B 163 1.62 7.76 -32.99
CA THR B 163 2.90 7.14 -33.30
C THR B 163 3.32 7.55 -34.72
N PRO B 164 4.60 7.31 -35.16
CA PRO B 164 4.95 7.65 -36.56
C PRO B 164 4.26 6.74 -37.60
N GLN B 165 3.65 5.62 -37.16
CA GLN B 165 2.96 4.65 -38.02
C GLN B 165 1.45 4.94 -38.16
N THR B 166 0.88 5.87 -37.36
CA THR B 166 -0.56 6.19 -37.39
C THR B 166 -0.98 6.70 -38.76
N GLN B 167 -2.01 6.06 -39.34
CA GLN B 167 -2.59 6.42 -40.62
C GLN B 167 -3.48 7.64 -40.40
N THR B 168 -3.11 8.75 -41.03
CA THR B 168 -3.78 10.04 -40.87
C THR B 168 -4.47 10.48 -42.17
N ASP B 169 -4.30 9.73 -43.30
CA ASP B 169 -4.99 10.00 -44.56
C ASP B 169 -6.44 9.46 -44.45
N PRO B 170 -7.48 10.34 -44.50
CA PRO B 170 -8.86 9.86 -44.37
C PRO B 170 -9.27 8.90 -45.49
N ALA B 171 -8.70 9.07 -46.71
CA ALA B 171 -8.96 8.21 -47.87
C ALA B 171 -8.44 6.80 -47.60
N ALA B 172 -7.26 6.72 -46.94
CA ALA B 172 -6.63 5.47 -46.60
C ALA B 172 -7.41 4.75 -45.51
N ILE B 173 -8.02 5.52 -44.56
CA ILE B 173 -8.84 4.97 -43.48
C ILE B 173 -10.14 4.41 -44.07
N ARG B 174 -10.76 5.14 -45.03
CA ARG B 174 -11.98 4.71 -45.71
C ARG B 174 -11.75 3.42 -46.50
N ALA B 175 -10.54 3.28 -47.09
CA ALA B 175 -10.13 2.09 -47.86
C ALA B 175 -10.01 0.89 -46.93
N GLU B 176 -9.45 1.11 -45.72
CA GLU B 176 -9.28 0.10 -44.68
C GLU B 176 -10.67 -0.32 -44.12
N ILE B 177 -11.56 0.66 -43.82
CA ILE B 177 -12.94 0.46 -43.37
C ILE B 177 -13.68 -0.50 -44.34
N ALA B 178 -13.54 -0.28 -45.66
CA ALA B 178 -14.20 -1.07 -46.69
C ALA B 178 -13.72 -2.52 -46.68
N GLU B 179 -12.42 -2.72 -46.41
CA GLU B 179 -11.82 -4.05 -46.32
C GLU B 179 -12.31 -4.80 -45.05
N VAL B 180 -12.51 -4.07 -43.92
CA VAL B 180 -13.02 -4.62 -42.65
C VAL B 180 -14.49 -5.03 -42.85
N ARG B 181 -15.30 -4.17 -43.49
CA ARG B 181 -16.72 -4.43 -43.75
C ARG B 181 -16.89 -5.73 -44.60
N ARG B 182 -15.95 -5.94 -45.53
CA ARG B 182 -15.89 -7.06 -46.45
C ARG B 182 -15.46 -8.38 -45.78
N THR B 183 -14.47 -8.34 -44.88
CA THR B 183 -13.89 -9.52 -44.23
C THR B 183 -14.40 -9.78 -42.81
N GLY B 184 -15.01 -8.78 -42.17
CA GLY B 184 -15.53 -8.85 -40.79
C GLY B 184 -14.46 -8.82 -39.70
N LEU B 185 -13.23 -8.45 -40.08
CA LEU B 185 -12.08 -8.39 -39.17
C LEU B 185 -11.15 -7.22 -39.55
N ALA B 186 -10.65 -6.51 -38.54
CA ALA B 186 -9.71 -5.39 -38.70
C ALA B 186 -8.35 -5.74 -38.12
N GLN B 187 -7.28 -5.25 -38.76
CA GLN B 187 -5.89 -5.39 -38.34
C GLN B 187 -5.23 -4.06 -38.36
N SER B 188 -4.38 -3.76 -37.36
CA SER B 188 -3.65 -2.49 -37.26
C SER B 188 -2.29 -2.75 -36.64
N ILE B 189 -1.22 -2.24 -37.28
CA ILE B 189 0.13 -2.41 -36.80
C ILE B 189 0.67 -1.05 -36.37
N GLY B 190 0.87 -0.90 -35.07
CA GLY B 190 1.46 0.25 -34.40
C GLY B 190 0.92 1.63 -34.65
N GLY B 191 -0.41 1.75 -34.80
CA GLY B 191 -1.08 3.03 -35.01
C GLY B 191 -1.45 3.77 -33.72
N PHE B 192 -1.60 3.00 -32.61
CA PHE B 192 -1.93 3.48 -31.27
C PHE B 192 -0.70 3.39 -30.37
N GLU B 193 -0.01 2.24 -30.44
CA GLU B 193 1.21 1.94 -29.70
C GLU B 193 2.18 1.28 -30.65
N ALA B 194 3.43 1.80 -30.70
CA ALA B 194 4.47 1.25 -31.57
C ALA B 194 4.80 -0.22 -31.21
N GLU B 195 5.00 -1.06 -32.27
CA GLU B 195 5.37 -2.47 -32.18
C GLU B 195 4.23 -3.35 -31.57
N VAL B 196 2.97 -2.91 -31.74
CA VAL B 196 1.81 -3.67 -31.29
C VAL B 196 1.00 -4.02 -32.52
N HIS B 197 0.77 -5.32 -32.75
CA HIS B 197 -0.02 -5.82 -33.87
C HIS B 197 -1.36 -6.32 -33.31
N SER B 198 -2.44 -5.65 -33.66
CA SER B 198 -3.73 -6.04 -33.13
C SER B 198 -4.71 -6.45 -34.21
N HIS B 199 -5.61 -7.35 -33.83
CA HIS B 199 -6.72 -7.93 -34.59
C HIS B 199 -7.99 -7.61 -33.85
N ALA B 200 -9.05 -7.19 -34.56
CA ALA B 200 -10.32 -6.90 -33.90
C ALA B 200 -11.52 -7.21 -34.76
N VAL B 201 -12.60 -7.60 -34.08
CA VAL B 201 -13.90 -7.93 -34.69
C VAL B 201 -14.98 -7.06 -34.02
N PRO B 202 -16.03 -6.65 -34.75
CA PRO B 202 -17.09 -5.86 -34.10
C PRO B 202 -18.05 -6.73 -33.25
N ILE B 203 -18.64 -6.12 -32.21
CA ILE B 203 -19.63 -6.75 -31.32
C ILE B 203 -20.95 -5.98 -31.57
N PHE B 204 -22.05 -6.72 -31.75
CA PHE B 204 -23.34 -6.19 -32.11
C PHE B 204 -24.41 -6.39 -31.06
N GLY B 205 -25.29 -5.39 -30.97
CA GLY B 205 -26.42 -5.43 -30.06
C GLY B 205 -27.65 -6.10 -30.65
N PRO B 206 -28.73 -6.21 -29.84
CA PRO B 206 -29.98 -6.85 -30.31
C PRO B 206 -30.59 -6.21 -31.57
N ASP B 207 -30.35 -4.91 -31.80
CA ASP B 207 -30.84 -4.14 -32.96
C ASP B 207 -29.90 -4.25 -34.19
N ARG B 208 -28.80 -5.05 -34.07
CA ARG B 208 -27.80 -5.31 -35.11
C ARG B 208 -26.84 -4.12 -35.34
N ALA B 209 -26.88 -3.11 -34.44
CA ALA B 209 -25.96 -1.99 -34.51
C ALA B 209 -24.70 -2.32 -33.72
N VAL B 210 -23.51 -1.93 -34.24
CA VAL B 210 -22.22 -2.18 -33.58
C VAL B 210 -22.21 -1.45 -32.22
N LEU B 211 -21.71 -2.12 -31.15
CA LEU B 211 -21.68 -1.46 -29.84
C LEU B 211 -20.26 -1.42 -29.28
N GLY B 212 -19.35 -2.11 -29.97
CA GLY B 212 -17.94 -2.11 -29.63
C GLY B 212 -17.15 -3.12 -30.42
N ALA B 213 -16.00 -3.54 -29.87
CA ALA B 213 -15.12 -4.49 -30.51
C ALA B 213 -14.35 -5.33 -29.53
N LEU B 214 -14.08 -6.59 -29.93
CA LEU B 214 -13.27 -7.57 -29.20
C LEU B 214 -11.94 -7.66 -29.92
N ALA B 215 -10.83 -7.51 -29.20
CA ALA B 215 -9.51 -7.49 -29.83
C ALA B 215 -8.46 -8.37 -29.17
N VAL B 216 -7.44 -8.74 -29.95
CA VAL B 216 -6.20 -9.45 -29.58
C VAL B 216 -5.04 -8.47 -29.92
N ALA B 217 -4.28 -8.02 -28.88
CA ALA B 217 -3.13 -7.11 -28.97
C ALA B 217 -1.87 -7.88 -28.66
N ALA B 218 -0.99 -7.96 -29.64
CA ALA B 218 0.24 -8.69 -29.52
C ALA B 218 1.46 -7.88 -29.90
N PRO B 219 2.66 -8.14 -29.33
CA PRO B 219 3.86 -7.48 -29.87
C PRO B 219 4.12 -8.01 -31.28
N THR B 220 4.57 -7.10 -32.16
CA THR B 220 4.92 -7.39 -33.55
C THR B 220 5.94 -8.55 -33.63
N SER B 221 6.94 -8.58 -32.70
CA SER B 221 7.98 -9.62 -32.64
C SER B 221 7.41 -11.06 -32.51
N ARG B 222 6.15 -11.20 -32.03
CA ARG B 222 5.51 -12.50 -31.82
C ARG B 222 4.42 -12.80 -32.87
N MSE B 223 4.26 -11.91 -33.87
CA MSE B 223 3.28 -12.09 -34.94
C MSE B 223 3.89 -13.01 -36.03
O MSE B 223 4.23 -12.55 -37.11
CB MSE B 223 2.83 -10.74 -35.50
CG MSE B 223 1.53 -10.84 -36.29
SE MSE B 223 0.10 -11.80 -35.39
CE MSE B 223 -0.02 -10.72 -33.90
N THR B 224 4.02 -14.29 -35.68
CA THR B 224 4.60 -15.32 -36.55
C THR B 224 3.58 -15.79 -37.59
N PRO B 225 4.01 -16.49 -38.66
CA PRO B 225 3.03 -17.05 -39.62
C PRO B 225 1.95 -17.91 -38.96
N ASP B 226 2.31 -18.72 -37.95
CA ASP B 226 1.36 -19.55 -37.21
C ASP B 226 0.33 -18.70 -36.42
N GLN B 227 0.80 -17.61 -35.75
CA GLN B 227 -0.06 -16.71 -35.00
C GLN B 227 -0.99 -15.92 -35.94
N LYS B 228 -0.47 -15.51 -37.12
CA LYS B 228 -1.25 -14.79 -38.16
C LYS B 228 -2.39 -15.67 -38.66
N ARG B 229 -2.20 -16.99 -38.61
CA ARG B 229 -3.16 -17.99 -39.04
C ARG B 229 -4.18 -18.34 -37.94
N THR B 230 -3.73 -18.48 -36.69
CA THR B 230 -4.49 -18.91 -35.51
C THR B 230 -5.34 -17.81 -34.83
N ILE B 231 -4.82 -16.57 -34.75
CA ILE B 231 -5.54 -15.50 -34.06
C ILE B 231 -6.90 -15.20 -34.76
N PRO B 232 -6.97 -14.93 -36.10
CA PRO B 232 -8.28 -14.64 -36.72
C PRO B 232 -9.40 -15.69 -36.48
N PRO B 233 -9.25 -17.03 -36.69
CA PRO B 233 -10.38 -17.94 -36.38
C PRO B 233 -10.81 -17.91 -34.91
N ALA B 234 -9.84 -17.87 -33.98
CA ALA B 234 -10.10 -17.85 -32.54
C ALA B 234 -10.85 -16.57 -32.14
N LEU B 235 -10.41 -15.41 -32.66
CA LEU B 235 -11.04 -14.11 -32.35
C LEU B 235 -12.47 -14.03 -32.95
N ARG B 236 -12.66 -14.46 -34.21
CA ARG B 236 -13.96 -14.47 -34.89
C ARG B 236 -14.98 -15.26 -34.07
N ALA B 237 -14.61 -16.46 -33.61
CA ALA B 237 -15.43 -17.35 -32.81
C ALA B 237 -15.82 -16.70 -31.47
N ALA B 238 -14.82 -16.13 -30.76
CA ALA B 238 -15.01 -15.48 -29.47
C ALA B 238 -15.98 -14.26 -29.60
N GLY B 239 -15.86 -13.51 -30.70
CA GLY B 239 -16.69 -12.36 -31.03
C GLY B 239 -18.15 -12.69 -31.29
N LEU B 240 -18.39 -13.78 -32.03
CA LEU B 240 -19.73 -14.28 -32.29
C LEU B 240 -20.38 -14.77 -31.01
N SER B 241 -19.59 -15.47 -30.18
CA SER B 241 -20.01 -16.03 -28.90
C SER B 241 -20.52 -14.91 -27.97
N LEU B 242 -19.76 -13.80 -27.90
CA LEU B 242 -20.07 -12.67 -27.03
C LEU B 242 -21.37 -11.92 -27.52
N THR B 243 -21.48 -11.65 -28.84
CA THR B 243 -22.60 -10.97 -29.49
C THR B 243 -23.92 -11.67 -29.17
N GLU B 244 -23.94 -13.02 -29.28
CA GLU B 244 -25.12 -13.85 -29.06
C GLU B 244 -25.50 -13.91 -27.59
N ARG B 245 -24.52 -13.82 -26.68
CA ARG B 245 -24.74 -13.86 -25.24
C ARG B 245 -25.52 -12.64 -24.74
N ILE B 246 -25.31 -11.49 -25.36
CA ILE B 246 -25.99 -10.24 -24.99
C ILE B 246 -27.30 -10.04 -25.84
N GLY B 247 -27.75 -11.12 -26.44
CA GLY B 247 -28.94 -11.14 -27.27
C GLY B 247 -28.78 -10.40 -28.60
N GLY B 248 -27.53 -10.20 -29.01
CA GLY B 248 -27.18 -9.49 -30.23
C GLY B 248 -27.35 -10.28 -31.49
N ALA B 249 -27.41 -9.57 -32.60
CA ALA B 249 -27.55 -10.16 -33.92
C ALA B 249 -26.65 -9.41 -34.91
N CYS B 250 -26.06 -10.14 -35.84
CA CYS B 250 -25.17 -9.56 -36.86
C CYS B 250 -25.98 -9.01 -38.02
N PRO B 251 -25.58 -7.88 -38.62
CA PRO B 251 -26.32 -7.38 -39.79
C PRO B 251 -25.98 -8.20 -41.06
N PRO B 252 -26.78 -8.18 -42.15
CA PRO B 252 -26.43 -8.97 -43.36
C PRO B 252 -25.06 -8.63 -43.96
N GLU B 253 -24.64 -7.34 -43.87
CA GLU B 253 -23.37 -6.79 -44.36
C GLU B 253 -22.13 -7.36 -43.62
N PHE B 254 -22.36 -8.18 -42.56
CA PHE B 254 -21.30 -8.82 -41.78
C PHE B 254 -21.12 -10.29 -42.22
N PRO B 255 -19.90 -10.67 -42.69
CA PRO B 255 -19.69 -12.04 -43.16
C PRO B 255 -19.50 -13.07 -42.03
N THR B 256 -20.22 -14.21 -42.11
CA THR B 256 -20.16 -15.35 -41.18
C THR B 256 -19.86 -16.63 -41.94
N MSE C 2 22.42 26.03 24.25
CA MSE C 2 22.32 27.49 24.22
C MSE C 2 22.76 28.10 22.86
O MSE C 2 22.09 29.04 22.39
CB MSE C 2 23.12 28.12 25.37
N GLY C 3 23.83 27.58 22.25
CA GLY C 3 24.41 28.04 20.98
C GLY C 3 23.52 27.90 19.75
N THR C 4 23.96 28.51 18.62
CA THR C 4 23.23 28.56 17.35
C THR C 4 22.92 27.16 16.74
N VAL C 5 23.87 26.22 16.85
CA VAL C 5 23.74 24.86 16.30
C VAL C 5 22.72 24.10 17.13
N SER C 6 22.78 24.28 18.46
CA SER C 6 21.88 23.70 19.47
C SER C 6 20.44 24.11 19.21
N LYS C 7 20.22 25.38 18.78
CA LYS C 7 18.88 25.85 18.44
C LYS C 7 18.34 25.14 17.17
N ALA C 8 19.12 25.00 16.08
CA ALA C 8 18.67 24.27 14.88
C ALA C 8 18.28 22.81 15.21
N LEU C 9 19.10 22.16 16.08
CA LEU C 9 18.88 20.76 16.45
C LEU C 9 17.69 20.61 17.40
N THR C 10 17.31 21.69 18.14
CA THR C 10 16.13 21.70 19.00
C THR C 10 14.87 21.61 18.13
N LEU C 11 14.89 22.14 16.87
CA LEU C 11 13.74 22.06 15.95
C LEU C 11 13.37 20.60 15.66
N LEU C 12 14.37 19.71 15.61
CA LEU C 12 14.21 18.27 15.35
C LEU C 12 13.50 17.53 16.51
N THR C 13 13.58 18.09 17.74
CA THR C 13 12.98 17.50 18.93
C THR C 13 11.44 17.56 18.90
N TYR C 14 10.88 18.45 18.09
CA TYR C 14 9.43 18.64 17.99
C TYR C 14 8.76 17.49 17.21
N PHE C 15 9.54 16.74 16.43
CA PHE C 15 9.09 15.53 15.73
C PHE C 15 8.98 14.38 16.75
N ASN C 16 7.86 13.66 16.73
CA ASN C 16 7.58 12.49 17.60
C ASN C 16 6.63 11.57 16.86
N HIS C 17 6.39 10.34 17.40
CA HIS C 17 5.53 9.32 16.78
CA HIS C 17 5.54 9.35 16.73
C HIS C 17 4.12 9.85 16.48
N GLY C 18 3.71 10.89 17.17
CA GLY C 18 2.41 11.52 16.97
C GLY C 18 2.45 12.73 16.06
N ARG C 19 3.67 13.23 15.74
CA ARG C 19 3.88 14.42 14.92
C ARG C 19 5.09 14.19 14.00
N LEU C 20 4.88 13.46 12.91
CA LEU C 20 5.94 13.10 11.96
C LEU C 20 6.12 14.14 10.86
N GLU C 21 5.12 14.99 10.66
CA GLU C 21 5.17 16.09 9.70
C GLU C 21 4.83 17.42 10.39
N ILE C 22 5.71 18.44 10.25
CA ILE C 22 5.46 19.74 10.87
C ILE C 22 5.65 20.84 9.83
N GLY C 23 4.67 21.76 9.81
CA GLY C 23 4.72 22.90 8.94
C GLY C 23 5.54 24.02 9.55
N LEU C 24 5.92 24.98 8.71
CA LEU C 24 6.74 26.12 9.09
C LEU C 24 6.10 26.98 10.21
N SER C 25 4.77 27.21 10.14
CA SER C 25 4.02 28.00 11.12
C SER C 25 3.97 27.29 12.47
N ASP C 26 3.69 25.98 12.49
CA ASP C 26 3.61 25.20 13.72
C ASP C 26 5.01 25.11 14.38
N LEU C 27 6.09 25.00 13.57
CA LEU C 27 7.46 24.98 14.08
C LEU C 27 7.84 26.31 14.71
N THR C 28 7.36 27.43 14.14
CA THR C 28 7.57 28.80 14.63
C THR C 28 6.90 28.95 16.00
N ARG C 29 5.65 28.47 16.12
CA ARG C 29 4.80 28.47 17.31
C ARG C 29 5.42 27.66 18.45
N LEU C 30 5.88 26.44 18.14
CA LEU C 30 6.44 25.51 19.10
C LEU C 30 7.83 25.91 19.59
N SER C 31 8.68 26.46 18.70
CA SER C 31 10.07 26.82 19.01
C SER C 31 10.23 28.19 19.64
N GLY C 32 9.36 29.13 19.29
CA GLY C 32 9.40 30.50 19.79
C GLY C 32 10.26 31.43 18.96
N MSE C 33 10.94 30.87 17.91
CA MSE C 33 11.78 31.63 16.97
C MSE C 33 10.94 32.27 15.85
O MSE C 33 9.81 31.83 15.61
CB MSE C 33 12.84 30.71 16.34
CG MSE C 33 13.58 29.82 17.34
SE MSE C 33 14.91 28.77 16.45
CE MSE C 33 14.91 27.17 17.67
N ASN C 34 11.48 33.29 15.16
CA ASN C 34 10.80 33.96 14.04
C ASN C 34 10.66 32.98 12.88
N LYS C 35 9.61 33.13 12.06
CA LYS C 35 9.35 32.28 10.88
C LYS C 35 10.57 32.22 9.96
N ALA C 36 11.20 33.37 9.67
CA ALA C 36 12.39 33.51 8.83
C ALA C 36 13.58 32.73 9.38
N THR C 37 13.76 32.74 10.73
CA THR C 37 14.84 32.01 11.40
C THR C 37 14.61 30.51 11.23
N VAL C 38 13.38 30.04 11.52
CA VAL C 38 12.97 28.65 11.40
C VAL C 38 13.15 28.19 9.95
N TYR C 39 12.74 29.00 8.96
CA TYR C 39 12.87 28.68 7.54
C TYR C 39 14.35 28.53 7.13
N ARG C 40 15.25 29.43 7.57
CA ARG C 40 16.67 29.35 7.26
C ARG C 40 17.30 28.10 7.89
N LEU C 41 17.00 27.83 9.17
CA LEU C 41 17.54 26.69 9.90
C LEU C 41 17.04 25.40 9.28
N MSE C 42 15.75 25.31 8.93
CA MSE C 42 15.19 24.09 8.30
C MSE C 42 15.75 23.90 6.88
O MSE C 42 15.93 22.75 6.47
CB MSE C 42 13.66 24.13 8.27
CG MSE C 42 13.04 24.00 9.64
SE MSE C 42 13.38 22.36 10.53
CE MSE C 42 12.18 21.24 9.68
N SER C 43 16.04 25.00 6.14
CA SER C 43 16.68 24.92 4.81
C SER C 43 18.12 24.37 4.92
N GLU C 44 18.85 24.79 5.96
CA GLU C 44 20.20 24.34 6.22
C GLU C 44 20.20 22.86 6.59
N LEU C 45 19.18 22.41 7.34
CA LEU C 45 19.00 21.02 7.73
C LEU C 45 18.62 20.18 6.52
N GLN C 46 17.80 20.76 5.61
CA GLN C 46 17.37 20.13 4.37
C GLN C 46 18.53 19.91 3.39
N GLU C 47 19.42 20.92 3.24
CA GLU C 47 20.60 20.81 2.38
C GLU C 47 21.50 19.65 2.83
N ALA C 48 21.58 19.43 4.17
CA ALA C 48 22.39 18.39 4.79
C ALA C 48 21.70 17.00 4.82
N GLY C 49 20.42 16.94 4.46
CA GLY C 49 19.66 15.69 4.44
C GLY C 49 19.05 15.30 5.76
N PHE C 50 18.99 16.21 6.72
CA PHE C 50 18.43 15.95 8.05
C PHE C 50 16.90 16.12 8.06
N VAL C 51 16.36 16.98 7.17
CA VAL C 51 14.92 17.18 7.00
C VAL C 51 14.63 17.22 5.50
N GLU C 52 13.38 16.98 5.15
CA GLU C 52 12.96 17.06 3.77
C GLU C 52 11.50 17.52 3.70
N GLN C 53 11.16 18.22 2.61
CA GLN C 53 9.82 18.73 2.31
C GLN C 53 8.90 17.56 1.98
N VAL C 54 7.70 17.55 2.54
CA VAL C 54 6.77 16.46 2.27
C VAL C 54 6.25 16.61 0.82
N GLU C 55 6.15 15.46 0.13
CA GLU C 55 5.73 15.21 -1.26
C GLU C 55 4.77 16.28 -1.82
N GLY C 56 3.57 16.39 -1.24
CA GLY C 56 2.58 17.35 -1.69
C GLY C 56 2.55 18.67 -0.93
N ALA C 57 2.60 18.58 0.41
CA ALA C 57 2.50 19.68 1.37
C ALA C 57 3.70 20.65 1.40
N ARG C 58 3.54 21.72 2.20
CA ARG C 58 4.54 22.76 2.51
C ARG C 58 5.30 22.35 3.80
N SER C 59 4.89 21.18 4.35
CA SER C 59 5.38 20.51 5.55
C SER C 59 6.79 20.01 5.42
N TYR C 60 7.37 19.66 6.56
CA TYR C 60 8.69 19.08 6.69
C TYR C 60 8.57 17.76 7.40
N ARG C 61 9.51 16.89 7.06
CA ARG C 61 9.67 15.51 7.50
C ARG C 61 11.11 15.27 7.85
N LEU C 62 11.41 14.25 8.69
CA LEU C 62 12.81 13.93 8.95
C LEU C 62 13.46 13.36 7.69
N GLY C 63 14.72 13.71 7.47
CA GLY C 63 15.50 13.28 6.32
C GLY C 63 16.28 12.00 6.53
N PRO C 64 16.89 11.43 5.47
CA PRO C 64 17.58 10.15 5.63
C PRO C 64 18.93 10.21 6.33
N GLN C 65 19.51 11.39 6.51
CA GLN C 65 20.83 11.52 7.12
C GLN C 65 20.90 10.95 8.58
N VAL C 66 19.82 11.06 9.37
CA VAL C 66 19.78 10.56 10.75
C VAL C 66 19.94 9.05 10.77
N LEU C 67 19.49 8.35 9.70
CA LEU C 67 19.65 6.89 9.57
C LEU C 67 21.13 6.52 9.43
N ARG C 68 21.91 7.30 8.62
CA ARG C 68 23.35 7.13 8.38
C ARG C 68 24.12 7.30 9.69
N LEU C 69 23.76 8.33 10.48
CA LEU C 69 24.39 8.66 11.78
C LEU C 69 24.06 7.64 12.85
N ALA C 70 22.83 7.11 12.86
CA ALA C 70 22.47 6.08 13.84
C ALA C 70 23.26 4.78 13.57
N ALA C 71 23.52 4.46 12.28
CA ALA C 71 24.29 3.28 11.89
C ALA C 71 25.73 3.40 12.34
N LEU C 72 26.29 4.60 12.30
CA LEU C 72 27.67 4.83 12.75
C LEU C 72 27.74 4.78 14.28
N ARG C 73 26.72 5.33 14.97
CA ARG C 73 26.58 5.26 16.43
C ARG C 73 26.51 3.79 16.85
N GLU C 74 25.75 2.98 16.12
CA GLU C 74 25.58 1.55 16.37
C GLU C 74 26.86 0.76 16.07
N ALA C 75 27.69 1.21 15.12
CA ALA C 75 28.97 0.58 14.88
C ALA C 75 29.86 0.83 16.10
N SER C 76 29.80 2.06 16.68
CA SER C 76 30.54 2.39 17.91
C SER C 76 30.00 1.63 19.18
N VAL C 77 28.67 1.68 19.41
CA VAL C 77 27.94 1.09 20.56
C VAL C 77 26.78 0.18 19.98
N PRO C 78 27.02 -1.12 19.69
CA PRO C 78 26.01 -1.94 18.99
C PRO C 78 24.83 -2.40 19.83
N ILE C 79 24.17 -1.46 20.50
CA ILE C 79 23.13 -1.83 21.41
C ILE C 79 21.81 -2.27 20.74
N LEU C 80 21.26 -1.51 19.77
CA LEU C 80 20.00 -1.91 19.16
C LEU C 80 20.15 -3.13 18.26
N SER C 81 21.34 -3.33 17.67
CA SER C 81 21.66 -4.46 16.80
C SER C 81 21.77 -5.71 17.64
N ALA C 82 22.42 -5.60 18.80
CA ALA C 82 22.57 -6.68 19.78
C ALA C 82 21.24 -7.04 20.43
N SER C 83 20.32 -6.08 20.55
CA SER C 83 19.02 -6.29 21.17
C SER C 83 18.08 -7.16 20.32
N ARG C 84 18.21 -7.11 18.99
CA ARG C 84 17.33 -7.84 18.06
C ARG C 84 17.17 -9.31 18.44
N ARG C 85 18.28 -10.05 18.66
CA ARG C 85 18.21 -11.47 19.00
C ARG C 85 17.71 -11.68 20.44
N VAL C 86 18.10 -10.79 21.38
CA VAL C 86 17.74 -10.85 22.80
C VAL C 86 16.23 -10.65 22.95
N LEU C 87 15.65 -9.60 22.32
CA LEU C 87 14.23 -9.28 22.37
C LEU C 87 13.41 -10.43 21.78
N ARG C 88 13.81 -10.94 20.59
CA ARG C 88 13.11 -12.04 19.94
CA ARG C 88 13.14 -12.05 19.92
C ARG C 88 13.10 -13.28 20.82
N GLU C 89 14.27 -13.69 21.38
CA GLU C 89 14.38 -14.87 22.25
C GLU C 89 13.56 -14.67 23.54
N LEU C 90 13.63 -13.47 24.19
CA LEU C 90 12.87 -13.18 25.40
C LEU C 90 11.36 -13.18 25.13
N SER C 91 10.92 -12.67 23.96
CA SER C 91 9.50 -12.67 23.58
C SER C 91 9.00 -14.10 23.40
N GLU C 92 9.85 -15.00 22.91
CA GLU C 92 9.46 -16.41 22.75
C GLU C 92 9.43 -17.14 24.08
N ASP C 93 10.38 -16.82 24.97
CA ASP C 93 10.46 -17.46 26.29
C ASP C 93 9.32 -17.04 27.22
N THR C 94 8.90 -15.78 27.15
CA THR C 94 7.85 -15.22 28.01
C THR C 94 6.46 -15.23 27.36
N GLY C 95 6.40 -15.29 26.04
CA GLY C 95 5.13 -15.24 25.30
C GLY C 95 4.55 -13.83 25.26
N GLU C 96 5.36 -12.84 25.67
CA GLU C 96 4.96 -11.44 25.78
C GLU C 96 5.84 -10.48 24.98
N THR C 97 5.40 -9.22 24.85
CA THR C 97 6.11 -8.16 24.15
C THR C 97 7.33 -7.74 24.96
N THR C 98 8.47 -7.64 24.31
CA THR C 98 9.70 -7.20 24.97
C THR C 98 10.16 -5.91 24.32
N HIS C 99 10.84 -5.03 25.08
CA HIS C 99 11.31 -3.78 24.50
C HIS C 99 12.52 -3.26 25.23
N LEU C 100 13.40 -2.62 24.46
CA LEU C 100 14.58 -1.95 24.95
C LEU C 100 14.37 -0.44 24.88
N SER C 101 14.54 0.24 26.00
CA SER C 101 14.43 1.68 26.04
C SER C 101 15.79 2.26 26.41
N LEU C 102 16.16 3.38 25.78
CA LEU C 102 17.44 4.01 26.00
C LEU C 102 17.31 5.44 26.41
N LEU C 103 18.26 5.90 27.21
CA LEU C 103 18.33 7.30 27.61
C LEU C 103 18.71 8.14 26.38
N GLN C 104 17.83 9.06 26.04
CA GLN C 104 18.02 9.99 24.93
C GLN C 104 18.07 11.35 25.58
N GLY C 105 19.23 11.67 26.11
CA GLY C 105 19.45 12.90 26.84
C GLY C 105 18.87 12.76 28.23
N GLU C 106 17.84 13.58 28.52
CA GLU C 106 17.17 13.58 29.82
C GLU C 106 15.86 12.77 29.76
N GLN C 107 15.52 12.22 28.59
CA GLN C 107 14.35 11.37 28.42
C GLN C 107 14.71 9.87 28.23
N LEU C 108 13.73 9.00 28.48
CA LEU C 108 13.86 7.56 28.24
C LEU C 108 12.89 7.17 27.11
N ALA C 109 13.43 6.69 25.97
CA ALA C 109 12.59 6.32 24.83
C ALA C 109 12.77 4.84 24.44
N SER C 110 11.64 4.16 24.13
CA SER C 110 11.61 2.76 23.67
C SER C 110 12.06 2.75 22.20
N LEU C 111 13.19 2.11 21.90
CA LEU C 111 13.77 2.20 20.55
C LEU C 111 13.82 0.90 19.77
N SER C 112 13.58 -0.24 20.40
CA SER C 112 13.51 -1.54 19.73
C SER C 112 12.57 -2.43 20.53
N HIS C 113 11.75 -3.23 19.83
CA HIS C 113 10.82 -4.15 20.47
C HIS C 113 10.67 -5.40 19.64
N ALA C 114 10.06 -6.43 20.24
CA ALA C 114 9.73 -7.69 19.60
C ALA C 114 8.38 -8.20 20.11
N TYR C 115 7.62 -8.83 19.22
CA TYR C 115 6.32 -9.46 19.51
C TYR C 115 6.50 -10.97 19.53
N SER C 116 5.79 -11.63 20.46
CA SER C 116 5.86 -13.08 20.55
C SER C 116 4.99 -13.76 19.49
N SER C 117 5.35 -14.99 19.09
CA SER C 117 4.53 -15.78 18.15
C SER C 117 3.32 -16.34 18.91
N ARG C 118 3.39 -16.33 20.26
CA ARG C 118 2.29 -16.73 21.12
C ARG C 118 1.37 -15.54 21.41
N ASN C 119 0.05 -15.84 21.56
CA ASN C 119 -1.04 -14.94 21.92
C ASN C 119 -1.34 -13.92 20.85
N ALA C 120 -2.55 -13.98 20.32
CA ALA C 120 -3.04 -13.02 19.32
C ALA C 120 -3.19 -11.64 19.93
N THR C 121 -3.51 -11.55 21.24
CA THR C 121 -3.62 -10.28 21.96
C THR C 121 -2.26 -10.01 22.59
N LYS C 122 -1.65 -8.89 22.19
CA LYS C 122 -0.31 -8.47 22.65
C LYS C 122 -0.30 -7.04 23.10
N VAL C 123 0.71 -6.67 23.92
CA VAL C 123 0.96 -5.26 24.26
C VAL C 123 1.65 -4.68 23.02
N MSE C 124 1.00 -3.74 22.33
CA MSE C 124 1.55 -3.17 21.11
C MSE C 124 2.32 -1.89 21.41
O MSE C 124 1.99 -1.17 22.35
CB MSE C 124 0.48 -2.99 20.03
CG MSE C 124 -0.18 -4.37 19.71
SE MSE C 124 -0.31 -5.12 17.89
CE MSE C 124 0.24 -3.59 16.87
N MSE C 125 3.40 -1.68 20.66
CA MSE C 125 4.32 -0.56 20.79
C MSE C 125 4.62 0.12 19.48
O MSE C 125 4.35 -0.41 18.38
CB MSE C 125 5.66 -1.03 21.34
CG MSE C 125 5.54 -2.05 22.39
SE MSE C 125 6.50 -1.54 23.90
CE MSE C 125 5.68 0.20 24.48
N GLU C 126 5.26 1.28 19.61
CA GLU C 126 5.79 2.10 18.53
C GLU C 126 7.17 2.54 18.98
N ASP C 127 8.15 2.47 18.08
CA ASP C 127 9.50 2.89 18.47
C ASP C 127 9.52 4.43 18.57
N ALA C 128 10.39 4.93 19.46
CA ALA C 128 10.60 6.33 19.84
C ALA C 128 9.50 6.84 20.81
N GLU C 129 8.76 5.91 21.44
CA GLU C 129 7.77 6.23 22.46
C GLU C 129 8.51 6.63 23.75
N VAL C 130 8.13 7.78 24.32
CA VAL C 130 8.77 8.31 25.53
C VAL C 130 8.08 7.70 26.76
N LEU C 131 8.88 7.11 27.65
CA LEU C 131 8.42 6.49 28.89
C LEU C 131 8.66 7.39 30.08
N THR C 132 7.76 7.36 31.07
CA THR C 132 7.93 8.18 32.28
C THR C 132 8.93 7.46 33.20
N PHE C 133 9.68 8.23 34.00
CA PHE C 133 10.64 7.61 34.92
C PHE C 133 9.93 6.98 36.11
N HIS C 134 8.81 7.57 36.51
CA HIS C 134 8.06 7.16 37.69
C HIS C 134 6.90 6.18 37.38
N GLY C 135 6.39 6.19 36.16
CA GLY C 135 5.24 5.37 35.77
C GLY C 135 5.50 4.09 35.02
N THR C 136 6.76 3.79 34.68
CA THR C 136 7.11 2.56 33.94
C THR C 136 8.14 1.75 34.72
N ALA C 137 8.16 0.42 34.53
CA ALA C 137 9.17 -0.45 35.13
C ALA C 137 10.54 -0.08 34.57
N SER C 138 10.61 0.20 33.26
CA SER C 138 11.82 0.64 32.55
C SER C 138 12.39 1.93 33.18
N GLY C 139 11.50 2.88 33.48
CA GLY C 139 11.87 4.17 34.08
C GLY C 139 12.46 3.99 35.44
N LEU C 140 11.79 3.15 36.25
CA LEU C 140 12.22 2.86 37.62
C LEU C 140 13.57 2.12 37.64
N ALA C 141 13.77 1.17 36.75
CA ALA C 141 15.03 0.44 36.57
C ALA C 141 16.18 1.44 36.21
N VAL C 142 15.90 2.43 35.35
CA VAL C 142 16.88 3.46 34.96
C VAL C 142 17.12 4.41 36.16
N LEU C 143 16.05 4.98 36.78
CA LEU C 143 16.23 5.89 37.93
C LEU C 143 17.06 5.29 39.06
N ALA C 144 16.87 3.96 39.33
CA ALA C 144 17.52 3.17 40.39
C ALA C 144 19.02 3.17 40.30
N TYR C 145 19.56 3.34 39.08
CA TYR C 145 20.98 3.31 38.84
C TYR C 145 21.48 4.62 38.19
N SER C 146 20.69 5.71 38.32
CA SER C 146 21.00 7.06 37.86
C SER C 146 21.67 7.86 38.99
N GLU C 147 22.29 9.01 38.68
CA GLU C 147 22.96 9.85 39.67
C GLU C 147 21.94 10.45 40.65
N PRO C 148 22.28 10.52 41.97
CA PRO C 148 21.33 11.07 42.95
C PRO C 148 20.76 12.43 42.54
N SER C 149 21.57 13.29 41.91
CA SER C 149 21.16 14.61 41.41
C SER C 149 20.09 14.49 40.30
N PHE C 150 20.21 13.46 39.41
CA PHE C 150 19.24 13.21 38.34
C PHE C 150 17.89 12.76 38.93
N VAL C 151 17.95 11.84 39.91
CA VAL C 151 16.78 11.31 40.63
C VAL C 151 16.10 12.49 41.36
N ASP C 152 16.90 13.36 42.02
CA ASP C 152 16.43 14.54 42.76
C ASP C 152 15.66 15.49 41.83
N ALA C 153 16.21 15.75 40.63
CA ALA C 153 15.61 16.60 39.60
C ALA C 153 14.24 16.06 39.13
N VAL C 154 14.20 14.77 38.77
CA VAL C 154 13.01 14.06 38.28
C VAL C 154 11.89 14.10 39.35
N LEU C 155 12.24 13.86 40.63
CA LEU C 155 11.28 13.82 41.73
C LEU C 155 10.89 15.19 42.31
N ALA C 156 11.69 16.24 42.03
CA ALA C 156 11.37 17.60 42.50
C ALA C 156 10.22 18.16 41.67
N ALA C 157 10.24 17.88 40.35
CA ALA C 157 9.20 18.30 39.41
C ALA C 157 7.91 17.50 39.69
N PRO C 158 6.70 18.12 39.81
CA PRO C 158 5.47 17.32 40.05
C PRO C 158 5.30 16.20 39.02
N LEU C 159 4.89 15.03 39.51
CA LEU C 159 4.77 13.79 38.74
C LEU C 159 3.37 13.65 38.16
N THR C 160 3.29 13.59 36.83
CA THR C 160 2.06 13.48 36.06
C THR C 160 1.45 12.09 36.18
N ALA C 161 0.13 12.06 36.37
CA ALA C 161 -0.61 10.81 36.45
C ALA C 161 -1.22 10.51 35.09
N ARG C 162 -0.54 9.65 34.29
CA ARG C 162 -0.97 9.22 32.96
C ARG C 162 -2.25 8.39 33.06
N THR C 163 -2.32 7.54 34.10
CA THR C 163 -3.46 6.67 34.40
C THR C 163 -3.87 6.90 35.88
N PRO C 164 -5.05 6.44 36.35
CA PRO C 164 -5.38 6.61 37.78
C PRO C 164 -4.50 5.75 38.72
N GLN C 165 -3.70 4.82 38.16
CA GLN C 165 -2.82 3.91 38.91
C GLN C 165 -1.39 4.46 39.04
N THR C 166 -1.03 5.54 38.30
CA THR C 166 0.31 6.14 38.31
C THR C 166 0.67 6.65 39.70
N GLN C 167 1.84 6.19 40.20
CA GLN C 167 2.38 6.57 41.51
C GLN C 167 2.96 7.97 41.38
N THR C 168 2.38 8.91 42.16
CA THR C 168 2.69 10.33 42.13
C THR C 168 3.36 10.77 43.46
N ASP C 169 3.43 9.88 44.50
CA ASP C 169 4.11 10.18 45.77
C ASP C 169 5.63 10.02 45.58
N PRO C 170 6.44 11.11 45.69
CA PRO C 170 7.90 10.97 45.46
C PRO C 170 8.57 10.04 46.48
N ALA C 171 8.04 9.95 47.72
CA ALA C 171 8.54 9.09 48.79
C ALA C 171 8.32 7.63 48.42
N ALA C 172 7.16 7.33 47.78
CA ALA C 172 6.81 6.00 47.31
C ALA C 172 7.71 5.60 46.13
N ILE C 173 8.06 6.56 45.25
CA ILE C 173 8.93 6.31 44.10
C ILE C 173 10.35 6.03 44.60
N ARG C 174 10.83 6.81 45.57
CA ARG C 174 12.16 6.63 46.19
C ARG C 174 12.28 5.27 46.86
N ALA C 175 11.18 4.80 47.51
CA ALA C 175 11.09 3.50 48.18
C ALA C 175 11.18 2.40 47.15
N GLU C 176 10.52 2.57 45.98
CA GLU C 176 10.53 1.63 44.86
C GLU C 176 11.93 1.56 44.22
N ILE C 177 12.58 2.72 44.00
CA ILE C 177 13.95 2.87 43.49
C ILE C 177 14.92 2.03 44.35
N ALA C 178 14.81 2.16 45.69
CA ALA C 178 15.67 1.46 46.65
C ALA C 178 15.46 -0.06 46.58
N GLU C 179 14.22 -0.53 46.34
CA GLU C 179 13.90 -1.93 46.19
C GLU C 179 14.50 -2.48 44.88
N VAL C 180 14.50 -1.67 43.78
CA VAL C 180 15.06 -2.03 42.46
C VAL C 180 16.58 -2.13 42.59
N ARG C 181 17.22 -1.16 43.26
CA ARG C 181 18.66 -1.12 43.50
C ARG C 181 19.13 -2.36 44.26
N ARG C 182 18.29 -2.83 45.21
CA ARG C 182 18.51 -3.98 46.06
C ARG C 182 18.32 -5.34 45.35
N THR C 183 17.30 -5.45 44.48
CA THR C 183 16.96 -6.70 43.80
C THR C 183 17.44 -6.80 42.34
N GLY C 184 17.78 -5.66 41.73
CA GLY C 184 18.24 -5.59 40.34
C GLY C 184 17.13 -5.73 39.29
N LEU C 185 15.85 -5.65 39.72
CA LEU C 185 14.65 -5.78 38.87
C LEU C 185 13.52 -4.83 39.34
N ALA C 186 12.84 -4.18 38.37
CA ALA C 186 11.71 -3.30 38.61
C ALA C 186 10.41 -3.88 38.05
N GLN C 187 9.30 -3.64 38.75
CA GLN C 187 7.95 -4.03 38.35
C GLN C 187 7.02 -2.81 38.41
N SER C 188 6.05 -2.72 37.47
CA SER C 188 5.05 -1.64 37.44
C SER C 188 3.76 -2.13 36.80
N ILE C 189 2.65 -1.91 37.48
CA ILE C 189 1.33 -2.34 37.03
C ILE C 189 0.49 -1.11 36.73
N GLY C 190 0.19 -0.93 35.46
CA GLY C 190 -0.66 0.12 34.92
C GLY C 190 -0.39 1.57 35.26
N GLY C 191 0.89 1.94 35.37
CA GLY C 191 1.30 3.31 35.67
C GLY C 191 1.47 4.17 34.43
N PHE C 192 1.71 3.53 33.27
CA PHE C 192 1.87 4.15 31.94
C PHE C 192 0.63 3.86 31.07
N GLU C 193 0.21 2.61 31.08
CA GLU C 193 -0.95 2.12 30.36
C GLU C 193 -1.72 1.22 31.29
N ALA C 194 -3.02 1.46 31.44
CA ALA C 194 -3.87 0.64 32.29
C ALA C 194 -3.91 -0.81 31.79
N GLU C 195 -3.88 -1.77 32.73
CA GLU C 195 -3.94 -3.21 32.50
C GLU C 195 -2.68 -3.78 31.78
N VAL C 196 -1.54 -3.12 31.95
CA VAL C 196 -0.25 -3.58 31.45
C VAL C 196 0.67 -3.81 32.65
N HIS C 197 1.18 -5.05 32.80
CA HIS C 197 2.10 -5.44 33.87
C HIS C 197 3.47 -5.59 33.28
N SER C 198 4.39 -4.73 33.73
CA SER C 198 5.74 -4.70 33.22
C SER C 198 6.81 -5.14 34.24
N HIS C 199 7.86 -5.80 33.75
CA HIS C 199 9.08 -6.21 34.46
C HIS C 199 10.25 -5.62 33.71
N ALA C 200 11.21 -5.01 34.41
CA ALA C 200 12.37 -4.41 33.73
C ALA C 200 13.65 -4.52 34.54
N VAL C 201 14.76 -4.64 33.83
CA VAL C 201 16.12 -4.72 34.38
C VAL C 201 16.97 -3.62 33.73
N PRO C 202 17.93 -3.02 34.46
CA PRO C 202 18.76 -1.98 33.81
C PRO C 202 19.81 -2.59 32.89
N ILE C 203 20.23 -1.79 31.88
CA ILE C 203 21.29 -2.15 30.93
C ILE C 203 22.42 -1.17 31.19
N PHE C 204 23.65 -1.70 31.36
CA PHE C 204 24.83 -0.87 31.66
C PHE C 204 25.82 -0.83 30.52
N GLY C 205 26.48 0.31 30.38
CA GLY C 205 27.54 0.50 29.40
C GLY C 205 28.91 0.07 29.89
N PRO C 206 29.96 0.16 29.01
CA PRO C 206 31.32 -0.23 29.41
C PRO C 206 31.87 0.55 30.62
N ASP C 207 31.39 1.79 30.86
CA ASP C 207 31.80 2.64 31.98
C ASP C 207 30.98 2.39 33.29
N ARG C 208 30.06 1.38 33.30
CA ARG C 208 29.18 1.00 34.43
C ARG C 208 28.00 1.95 34.62
N ALA C 209 27.83 2.91 33.73
CA ALA C 209 26.68 3.83 33.78
C ALA C 209 25.46 3.17 33.18
N VAL C 210 24.24 3.46 33.71
CA VAL C 210 22.99 2.93 33.17
C VAL C 210 22.72 3.59 31.79
N LEU C 211 22.45 2.77 30.78
CA LEU C 211 22.17 3.21 29.41
C LEU C 211 20.67 3.29 29.15
N GLY C 212 19.96 2.38 29.78
CA GLY C 212 18.52 2.20 29.62
C GLY C 212 18.06 0.95 30.30
N ALA C 213 17.00 0.34 29.77
CA ALA C 213 16.40 -0.84 30.38
C ALA C 213 15.78 -1.78 29.36
N LEU C 214 15.82 -3.08 29.71
CA LEU C 214 15.21 -4.18 28.95
C LEU C 214 13.95 -4.61 29.69
N ALA C 215 12.78 -4.63 29.00
CA ALA C 215 11.52 -4.91 29.66
C ALA C 215 10.67 -5.97 28.99
N VAL C 216 9.77 -6.53 29.78
CA VAL C 216 8.73 -7.45 29.37
C VAL C 216 7.42 -6.76 29.66
N ALA C 217 6.60 -6.45 28.62
CA ALA C 217 5.29 -5.84 28.79
C ALA C 217 4.22 -6.87 28.55
N ALA C 218 3.35 -7.10 29.55
CA ALA C 218 2.30 -8.11 29.41
C ALA C 218 0.95 -7.60 29.85
N PRO C 219 -0.16 -8.17 29.34
CA PRO C 219 -1.46 -7.80 29.90
C PRO C 219 -1.57 -8.32 31.32
N THR C 220 -2.18 -7.54 32.20
CA THR C 220 -2.41 -7.95 33.59
C THR C 220 -3.14 -9.29 33.64
N SER C 221 -4.15 -9.50 32.77
CA SER C 221 -4.96 -10.72 32.67
C SER C 221 -4.13 -11.98 32.42
N ARG C 222 -2.90 -11.86 31.90
CA ARG C 222 -2.01 -12.97 31.60
C ARG C 222 -0.84 -13.10 32.61
N MSE C 223 -0.86 -12.31 33.68
CA MSE C 223 0.17 -12.36 34.71
C MSE C 223 -0.21 -13.46 35.70
O MSE C 223 -0.65 -13.19 36.82
CB MSE C 223 0.36 -10.99 35.38
CG MSE C 223 1.67 -10.88 36.17
SE MSE C 223 3.28 -11.47 35.22
CE MSE C 223 3.08 -10.26 33.69
N THR C 224 -0.08 -14.73 35.25
CA THR C 224 -0.41 -15.93 36.03
C THR C 224 0.68 -16.26 37.02
N PRO C 225 0.42 -17.14 38.03
CA PRO C 225 1.50 -17.54 38.95
C PRO C 225 2.75 -18.08 38.22
N ASP C 226 2.55 -18.88 37.14
CA ASP C 226 3.65 -19.45 36.35
C ASP C 226 4.45 -18.35 35.67
N GLN C 227 3.76 -17.33 35.08
CA GLN C 227 4.41 -16.20 34.40
C GLN C 227 5.17 -15.33 35.40
N LYS C 228 4.60 -15.09 36.60
CA LYS C 228 5.22 -14.31 37.67
C LYS C 228 6.53 -14.94 38.12
N ARG C 229 6.62 -16.28 38.02
CA ARG C 229 7.77 -17.09 38.39
C ARG C 229 8.83 -17.15 37.28
N THR C 230 8.39 -17.27 35.99
CA THR C 230 9.23 -17.49 34.82
C THR C 230 9.78 -16.21 34.18
N ILE C 231 9.03 -15.09 34.20
CA ILE C 231 9.49 -13.84 33.58
C ILE C 231 10.77 -13.32 34.27
N PRO C 232 10.81 -13.11 35.61
CA PRO C 232 12.05 -12.59 36.25
C PRO C 232 13.34 -13.36 35.91
N PRO C 233 13.48 -14.73 36.04
CA PRO C 233 14.77 -15.37 35.66
C PRO C 233 15.14 -15.17 34.18
N ALA C 234 14.14 -15.26 33.27
CA ALA C 234 14.33 -15.10 31.83
C ALA C 234 14.79 -13.67 31.50
N LEU C 235 14.16 -12.66 32.11
CA LEU C 235 14.51 -11.25 31.89
C LEU C 235 15.90 -10.92 32.45
N ARG C 236 16.24 -11.41 33.67
CA ARG C 236 17.54 -11.19 34.31
C ARG C 236 18.67 -11.70 33.43
N ALA C 237 18.52 -12.92 32.90
CA ALA C 237 19.46 -13.59 31.98
C ALA C 237 19.63 -12.80 30.68
N ALA C 238 18.52 -12.38 30.06
CA ALA C 238 18.51 -11.61 28.82
C ALA C 238 19.19 -10.24 29.02
N GLY C 239 18.93 -9.59 30.14
CA GLY C 239 19.54 -8.31 30.49
C GLY C 239 21.05 -8.43 30.61
N LEU C 240 21.49 -9.51 31.26
CA LEU C 240 22.89 -9.85 31.46
C LEU C 240 23.57 -10.07 30.10
N SER C 241 22.97 -10.90 29.26
CA SER C 241 23.40 -11.24 27.91
C SER C 241 23.57 -9.98 27.04
N LEU C 242 22.63 -9.02 27.12
CA LEU C 242 22.68 -7.79 26.35
C LEU C 242 23.84 -6.88 26.84
N THR C 243 23.98 -6.67 28.17
CA THR C 243 25.06 -5.86 28.74
C THR C 243 26.43 -6.43 28.28
N GLU C 244 26.57 -7.75 28.30
CA GLU C 244 27.78 -8.47 27.90
C GLU C 244 28.09 -8.32 26.40
N ARG C 245 27.08 -8.36 25.52
CA ARG C 245 27.30 -8.20 24.07
C ARG C 245 27.83 -6.80 23.73
N ILE C 246 27.51 -5.75 24.52
CA ILE C 246 27.94 -4.36 24.27
C ILE C 246 29.21 -4.00 25.10
N GLY C 247 29.82 -5.01 25.72
CA GLY C 247 31.01 -4.82 26.55
C GLY C 247 30.77 -4.03 27.82
N GLY C 248 29.52 -4.06 28.30
CA GLY C 248 29.11 -3.35 29.50
C GLY C 248 29.52 -4.07 30.76
N ALA C 249 29.53 -3.32 31.85
CA ALA C 249 29.89 -3.84 33.16
C ALA C 249 28.90 -3.34 34.17
N CYS C 250 28.50 -4.23 35.10
CA CYS C 250 27.58 -3.94 36.17
C CYS C 250 28.31 -3.26 37.30
N PRO C 251 27.71 -2.24 37.95
CA PRO C 251 28.37 -1.60 39.08
C PRO C 251 28.29 -2.50 40.34
N PRO C 252 29.13 -2.30 41.40
CA PRO C 252 29.04 -3.20 42.58
C PRO C 252 27.66 -3.19 43.27
N GLU C 253 26.96 -2.03 43.23
CA GLU C 253 25.60 -1.81 43.78
C GLU C 253 24.49 -2.64 43.05
N PHE C 254 24.85 -3.35 41.96
CA PHE C 254 23.93 -4.21 41.20
C PHE C 254 24.11 -5.69 41.62
N PRO C 255 23.03 -6.35 42.10
CA PRO C 255 23.15 -7.75 42.56
C PRO C 255 23.17 -8.76 41.41
N THR C 256 24.10 -9.72 41.54
CA THR C 256 24.40 -10.80 40.56
C THR C 256 23.60 -12.13 40.78
N MSE D 2 29.54 28.46 4.74
CA MSE D 2 28.40 29.35 4.51
C MSE D 2 27.25 28.96 5.44
O MSE D 2 26.30 28.30 5.02
CB MSE D 2 27.96 29.33 3.01
CG MSE D 2 26.81 30.33 2.64
SE MSE D 2 27.23 32.25 2.21
CE MSE D 2 28.00 32.04 0.36
N GLY D 3 27.37 29.38 6.69
CA GLY D 3 26.37 29.11 7.73
C GLY D 3 26.92 28.22 8.81
N THR D 4 26.81 28.65 10.08
CA THR D 4 27.30 27.95 11.26
C THR D 4 26.59 26.57 11.45
N VAL D 5 25.27 26.46 11.15
CA VAL D 5 24.54 25.19 11.23
C VAL D 5 25.05 24.25 10.12
N SER D 6 25.19 24.76 8.87
CA SER D 6 25.72 24.04 7.71
C SER D 6 27.13 23.50 7.96
N LYS D 7 27.97 24.33 8.60
CA LYS D 7 29.36 24.04 8.94
C LYS D 7 29.43 22.89 9.91
N ALA D 8 28.57 22.91 10.94
CA ALA D 8 28.48 21.89 11.98
C ALA D 8 28.09 20.57 11.39
N LEU D 9 27.09 20.58 10.50
CA LEU D 9 26.59 19.36 9.89
C LEU D 9 27.59 18.76 8.89
N THR D 10 28.45 19.59 8.26
CA THR D 10 29.52 19.14 7.34
C THR D 10 30.57 18.31 8.13
N LEU D 11 30.84 18.68 9.41
CA LEU D 11 31.79 17.97 10.26
C LEU D 11 31.36 16.51 10.47
N LEU D 12 30.03 16.25 10.53
CA LEU D 12 29.45 14.92 10.72
C LEU D 12 29.69 14.03 9.52
N THR D 13 29.89 14.61 8.31
CA THR D 13 30.10 13.87 7.06
C THR D 13 31.45 13.13 7.06
N TYR D 14 32.42 13.57 7.88
CA TYR D 14 33.75 12.98 7.97
C TYR D 14 33.74 11.65 8.70
N PHE D 15 32.70 11.40 9.52
CA PHE D 15 32.49 10.12 10.19
C PHE D 15 31.95 9.11 9.19
N ASN D 16 32.50 7.90 9.17
CA ASN D 16 32.09 6.78 8.31
C ASN D 16 32.50 5.49 9.03
N HIS D 17 32.06 4.31 8.54
CA HIS D 17 32.38 3.03 9.17
C HIS D 17 33.87 2.81 9.36
N GLY D 18 34.69 3.43 8.50
CA GLY D 18 36.16 3.36 8.59
C GLY D 18 36.77 4.42 9.49
N ARG D 19 35.95 5.40 9.91
CA ARG D 19 36.40 6.51 10.77
C ARG D 19 35.28 6.89 11.75
N LEU D 20 35.12 6.11 12.82
CA LEU D 20 34.05 6.29 13.79
C LEU D 20 34.44 7.25 14.89
N GLU D 21 35.74 7.45 15.11
CA GLU D 21 36.31 8.37 16.09
C GLU D 21 37.28 9.31 15.42
N ILE D 22 37.11 10.63 15.64
CA ILE D 22 37.99 11.63 15.05
C ILE D 22 38.39 12.63 16.13
N GLY D 23 39.69 12.91 16.20
CA GLY D 23 40.25 13.87 17.15
C GLY D 23 40.06 15.28 16.64
N LEU D 24 40.15 16.28 17.53
CA LEU D 24 39.98 17.69 17.20
C LEU D 24 40.96 18.20 16.13
N SER D 25 42.23 17.77 16.20
CA SER D 25 43.29 18.15 15.25
C SER D 25 43.04 17.56 13.86
N ASP D 26 42.63 16.28 13.80
CA ASP D 26 42.33 15.59 12.54
C ASP D 26 41.10 16.16 11.87
N LEU D 27 40.09 16.57 12.68
CA LEU D 27 38.86 17.23 12.19
C LEU D 27 39.17 18.60 11.63
N THR D 28 40.15 19.32 12.25
CA THR D 28 40.60 20.65 11.80
C THR D 28 41.26 20.52 10.41
N ARG D 29 42.13 19.51 10.22
CA ARG D 29 42.84 19.26 8.96
CA ARG D 29 42.82 19.30 8.95
C ARG D 29 41.87 18.81 7.86
N LEU D 30 40.91 17.87 8.19
CA LEU D 30 39.92 17.34 7.23
C LEU D 30 38.92 18.39 6.76
N SER D 31 38.46 19.25 7.68
CA SER D 31 37.43 20.23 7.39
C SER D 31 37.97 21.53 6.78
N GLY D 32 39.19 21.92 7.16
CA GLY D 32 39.80 23.17 6.69
C GLY D 32 39.42 24.37 7.56
N MSE D 33 38.61 24.15 8.61
CA MSE D 33 38.17 25.19 9.56
C MSE D 33 39.21 25.35 10.67
O MSE D 33 40.02 24.44 10.90
CB MSE D 33 36.80 24.83 10.19
CG MSE D 33 35.75 24.34 9.19
SE MSE D 33 34.05 23.90 10.05
CE MSE D 33 33.32 22.94 8.73
N ASN D 34 39.17 26.48 11.40
CA ASN D 34 40.06 26.71 12.53
C ASN D 34 39.71 25.73 13.68
N LYS D 35 40.72 25.37 14.51
CA LYS D 35 40.55 24.46 15.66
C LYS D 35 39.44 24.95 16.59
N ALA D 36 39.40 26.27 16.89
CA ALA D 36 38.43 26.91 17.76
C ALA D 36 37.01 26.82 17.19
N THR D 37 36.87 26.94 15.86
CA THR D 37 35.57 26.80 15.18
C THR D 37 35.08 25.36 15.34
N VAL D 38 35.95 24.38 15.03
CA VAL D 38 35.68 22.95 15.12
C VAL D 38 35.27 22.60 16.55
N TYR D 39 36.03 23.11 17.55
CA TYR D 39 35.75 22.85 18.96
C TYR D 39 34.38 23.38 19.40
N ARG D 40 34.03 24.63 18.99
CA ARG D 40 32.74 25.21 19.36
C ARG D 40 31.59 24.42 18.75
N LEU D 41 31.71 24.06 17.47
CA LEU D 41 30.70 23.34 16.72
C LEU D 41 30.50 21.96 17.28
N MSE D 42 31.59 21.26 17.62
CA MSE D 42 31.51 19.90 18.16
C MSE D 42 30.91 19.90 19.60
O MSE D 42 30.20 18.96 19.97
CB MSE D 42 32.87 19.20 18.10
CG MSE D 42 33.33 18.88 16.67
SE MSE D 42 32.18 17.70 15.66
CE MSE D 42 32.77 16.14 16.47
N SER D 43 31.16 20.96 20.37
CA SER D 43 30.61 21.17 21.72
C SER D 43 29.10 21.42 21.68
N GLU D 44 28.64 22.12 20.63
CA GLU D 44 27.22 22.40 20.36
C GLU D 44 26.51 21.12 19.90
N LEU D 45 27.19 20.27 19.12
CA LEU D 45 26.65 18.97 18.69
C LEU D 45 26.57 18.00 19.88
N GLN D 46 27.53 18.10 20.80
CA GLN D 46 27.58 17.31 22.03
C GLN D 46 26.40 17.66 22.98
N GLU D 47 26.10 18.98 23.16
CA GLU D 47 24.97 19.45 23.98
C GLU D 47 23.65 18.86 23.47
N ALA D 48 23.52 18.69 22.13
CA ALA D 48 22.34 18.13 21.47
C ALA D 48 22.31 16.59 21.45
N GLY D 49 23.39 15.95 21.84
CA GLY D 49 23.48 14.49 21.85
C GLY D 49 23.88 13.87 20.52
N PHE D 50 24.32 14.68 19.56
CA PHE D 50 24.71 14.22 18.23
C PHE D 50 26.12 13.71 18.24
N VAL D 51 26.99 14.26 19.10
CA VAL D 51 28.35 13.78 19.26
C VAL D 51 28.64 13.51 20.74
N GLU D 52 29.68 12.73 20.97
CA GLU D 52 30.16 12.33 22.27
C GLU D 52 31.67 12.42 22.29
N GLN D 53 32.22 12.95 23.38
CA GLN D 53 33.67 12.95 23.56
C GLN D 53 34.05 11.65 24.18
N VAL D 54 35.07 10.99 23.59
CA VAL D 54 35.60 9.69 24.05
C VAL D 54 36.40 9.93 25.39
N GLU D 55 37.72 10.28 25.31
CA GLU D 55 38.59 10.56 26.47
C GLU D 55 40.00 10.99 26.04
N ARG D 58 39.62 13.92 24.24
CA ARG D 58 39.31 14.95 23.21
C ARG D 58 38.84 14.33 21.84
N SER D 59 39.00 12.99 21.65
CA SER D 59 38.54 12.25 20.47
C SER D 59 37.00 12.32 20.45
N TYR D 60 36.39 12.46 19.26
CA TYR D 60 34.94 12.53 19.16
C TYR D 60 34.34 11.34 18.42
N ARG D 61 33.15 10.92 18.85
CA ARG D 61 32.39 9.89 18.16
C ARG D 61 30.94 10.33 18.07
N LEU D 62 30.13 9.64 17.25
CA LEU D 62 28.72 9.99 17.11
C LEU D 62 27.96 9.69 18.41
N GLY D 63 26.98 10.53 18.72
CA GLY D 63 26.22 10.51 19.96
C GLY D 63 24.95 9.69 19.93
N PRO D 64 24.29 9.51 21.09
CA PRO D 64 23.12 8.61 21.13
C PRO D 64 21.78 9.19 20.71
N GLN D 65 21.67 10.52 20.66
CA GLN D 65 20.37 11.11 20.37
C GLN D 65 19.89 11.01 18.90
N VAL D 66 20.74 10.52 17.98
CA VAL D 66 20.37 10.27 16.59
C VAL D 66 19.50 9.04 16.53
N LEU D 67 19.57 8.18 17.58
CA LEU D 67 18.80 6.91 17.59
C LEU D 67 17.28 7.16 17.59
N ARG D 68 16.78 8.15 18.38
CA ARG D 68 15.35 8.51 18.43
CA ARG D 68 15.34 8.44 18.41
C ARG D 68 14.88 9.01 17.08
N LEU D 69 15.71 9.86 16.44
CA LEU D 69 15.40 10.47 15.13
C LEU D 69 15.40 9.44 14.01
N ALA D 70 16.31 8.46 14.06
CA ALA D 70 16.34 7.38 13.06
C ALA D 70 15.07 6.52 13.15
N ALA D 71 14.60 6.23 14.38
CA ALA D 71 13.36 5.46 14.63
C ALA D 71 12.14 6.15 13.99
N LEU D 72 12.05 7.48 14.14
CA LEU D 72 10.99 8.29 13.59
C LEU D 72 11.10 8.39 12.07
N ARG D 73 12.32 8.49 11.53
CA ARG D 73 12.52 8.55 10.07
C ARG D 73 12.05 7.22 9.42
N GLU D 74 12.38 6.08 10.02
CA GLU D 74 11.92 4.77 9.53
C GLU D 74 10.40 4.73 9.50
N ALA D 75 9.75 5.31 10.51
CA ALA D 75 8.29 5.35 10.58
C ALA D 75 7.71 6.29 9.51
N SER D 76 8.37 7.44 9.27
CA SER D 76 7.98 8.46 8.30
C SER D 76 8.09 7.97 6.86
N VAL D 77 9.23 7.35 6.46
CA VAL D 77 9.45 6.90 5.10
C VAL D 77 9.98 5.42 5.05
N PRO D 78 9.07 4.44 4.93
CA PRO D 78 9.50 3.03 4.70
C PRO D 78 10.24 2.86 3.36
N ILE D 79 11.16 1.88 3.24
CA ILE D 79 11.94 1.62 2.00
C ILE D 79 11.01 1.58 0.74
N LEU D 80 9.81 1.00 0.85
CA LEU D 80 8.90 0.89 -0.30
C LEU D 80 8.34 2.27 -0.70
N SER D 81 8.20 3.21 0.25
CA SER D 81 7.73 4.57 -0.02
CA SER D 81 7.73 4.57 -0.03
C SER D 81 8.84 5.36 -0.74
N ALA D 82 10.11 5.14 -0.32
CA ALA D 82 11.30 5.77 -0.93
C ALA D 82 11.56 5.24 -2.34
N SER D 83 11.17 3.98 -2.60
CA SER D 83 11.37 3.31 -3.88
C SER D 83 10.48 3.88 -4.98
N ARG D 84 9.26 4.34 -4.62
CA ARG D 84 8.26 4.81 -5.58
C ARG D 84 8.85 5.75 -6.62
N ARG D 85 9.56 6.82 -6.21
CA ARG D 85 10.10 7.80 -7.16
C ARG D 85 11.30 7.23 -7.95
N VAL D 86 12.14 6.43 -7.30
CA VAL D 86 13.31 5.80 -7.91
C VAL D 86 12.89 4.88 -9.05
N LEU D 87 11.90 4.00 -8.76
CA LEU D 87 11.32 3.06 -9.70
C LEU D 87 10.73 3.80 -10.89
N ARG D 88 9.85 4.79 -10.63
CA ARG D 88 9.20 5.59 -11.67
CA ARG D 88 9.19 5.60 -11.66
C ARG D 88 10.24 6.21 -12.62
N GLU D 89 11.28 6.87 -12.06
CA GLU D 89 12.34 7.54 -12.83
C GLU D 89 13.19 6.57 -13.65
N LEU D 90 13.58 5.42 -13.06
CA LEU D 90 14.34 4.39 -13.78
C LEU D 90 13.51 3.77 -14.93
N SER D 91 12.21 3.54 -14.71
CA SER D 91 11.31 3.01 -15.73
C SER D 91 11.17 3.98 -16.88
N GLU D 92 11.22 5.29 -16.58
CA GLU D 92 11.12 6.31 -17.62
C GLU D 92 12.41 6.42 -18.42
N ASP D 93 13.56 6.30 -17.74
CA ASP D 93 14.87 6.41 -18.37
C ASP D 93 15.22 5.22 -19.26
N THR D 94 14.81 4.00 -18.82
CA THR D 94 15.12 2.76 -19.53
C THR D 94 14.02 2.32 -20.49
N GLY D 95 12.79 2.78 -20.24
CA GLY D 95 11.63 2.40 -21.03
C GLY D 95 11.16 1.00 -20.68
N GLU D 96 11.67 0.43 -19.58
CA GLU D 96 11.41 -0.92 -19.14
C GLU D 96 10.84 -1.01 -17.72
N THR D 97 10.35 -2.21 -17.34
CA THR D 97 9.80 -2.50 -16.02
C THR D 97 10.93 -2.54 -15.01
N THR D 98 10.75 -1.84 -13.89
CA THR D 98 11.72 -1.82 -12.81
C THR D 98 11.06 -2.41 -11.56
N HIS D 99 11.84 -3.06 -10.70
CA HIS D 99 11.28 -3.61 -9.48
C HIS D 99 12.31 -3.68 -8.36
N LEU D 100 11.81 -3.50 -7.12
CA LEU D 100 12.57 -3.63 -5.91
C LEU D 100 12.16 -4.91 -5.20
N SER D 101 13.13 -5.75 -4.91
CA SER D 101 12.87 -7.00 -4.18
C SER D 101 13.61 -6.91 -2.83
N LEU D 102 12.99 -7.43 -1.77
CA LEU D 102 13.58 -7.37 -0.44
C LEU D 102 13.66 -8.73 0.19
N LEU D 103 14.70 -8.91 1.01
CA LEU D 103 14.88 -10.14 1.76
C LEU D 103 13.82 -10.18 2.86
N GLN D 104 12.98 -11.21 2.81
CA GLN D 104 11.92 -11.46 3.77
C GLN D 104 12.31 -12.77 4.42
N GLY D 105 13.20 -12.66 5.39
CA GLY D 105 13.77 -13.82 6.06
C GLY D 105 14.80 -14.48 5.16
N GLU D 106 14.54 -15.73 4.77
CA GLU D 106 15.40 -16.56 3.92
C GLU D 106 14.95 -16.45 2.45
N GLN D 107 13.84 -15.73 2.16
CA GLN D 107 13.33 -15.55 0.81
C GLN D 107 13.55 -14.14 0.26
N LEU D 108 13.58 -14.01 -1.08
CA LEU D 108 13.66 -12.73 -1.79
C LEU D 108 12.35 -12.54 -2.55
N ALA D 109 11.59 -11.52 -2.18
CA ALA D 109 10.30 -11.23 -2.83
C ALA D 109 10.28 -9.85 -3.42
N SER D 110 9.69 -9.73 -4.62
CA SER D 110 9.50 -8.46 -5.32
C SER D 110 8.34 -7.75 -4.67
N LEU D 111 8.58 -6.58 -4.07
CA LEU D 111 7.55 -5.91 -3.27
C LEU D 111 7.04 -4.56 -3.81
N SER D 112 7.72 -3.98 -4.79
CA SER D 112 7.30 -2.74 -5.46
C SER D 112 7.86 -2.74 -6.87
N HIS D 113 7.06 -2.29 -7.83
CA HIS D 113 7.46 -2.23 -9.22
C HIS D 113 6.85 -1.03 -9.89
N ALA D 114 7.39 -0.68 -11.06
CA ALA D 114 6.86 0.38 -11.90
C ALA D 114 6.96 -0.02 -13.37
N TYR D 115 5.92 0.33 -14.11
CA TYR D 115 5.84 0.14 -15.54
C TYR D 115 6.18 1.45 -16.21
N SER D 116 6.87 1.38 -17.35
CA SER D 116 7.21 2.59 -18.11
C SER D 116 6.02 3.06 -18.93
N SER D 117 5.91 4.37 -19.16
CA SER D 117 4.87 4.93 -20.01
C SER D 117 5.20 4.69 -21.50
N ARG D 118 6.48 4.43 -21.78
CA ARG D 118 7.10 4.30 -23.09
C ARG D 118 6.61 3.14 -23.95
N ASN D 119 6.89 1.90 -23.56
CA ASN D 119 6.52 0.78 -24.43
C ASN D 119 5.23 0.15 -24.01
N ALA D 120 4.37 -0.20 -24.98
CA ALA D 120 3.09 -0.87 -24.69
C ALA D 120 3.29 -2.35 -24.29
N THR D 121 4.32 -3.01 -24.84
CA THR D 121 4.64 -4.40 -24.51
C THR D 121 5.68 -4.34 -23.38
N LYS D 122 5.34 -4.88 -22.21
CA LYS D 122 6.14 -4.81 -21.00
C LYS D 122 6.33 -6.15 -20.34
N VAL D 123 7.37 -6.25 -19.47
CA VAL D 123 7.55 -7.39 -18.58
C VAL D 123 6.59 -7.13 -17.40
N MSE D 124 5.56 -7.98 -17.27
CA MSE D 124 4.57 -7.82 -16.23
C MSE D 124 5.00 -8.55 -14.95
O MSE D 124 5.66 -9.59 -14.99
CB MSE D 124 3.21 -8.31 -16.70
CG MSE D 124 2.19 -8.45 -15.58
SE MSE D 124 0.79 -9.85 -15.81
CE MSE D 124 -0.59 -8.89 -14.83
N MSE D 125 4.62 -7.97 -13.79
CA MSE D 125 4.89 -8.45 -12.44
C MSE D 125 3.65 -8.43 -11.56
O MSE D 125 2.63 -7.79 -11.86
CB MSE D 125 5.94 -7.58 -11.76
CG MSE D 125 7.01 -7.14 -12.67
SE MSE D 125 8.66 -7.47 -11.87
CE MSE D 125 8.62 -9.58 -11.70
N GLU D 126 3.80 -9.06 -10.41
CA GLU D 126 2.84 -9.05 -9.32
C GLU D 126 3.67 -8.86 -8.06
N ASP D 127 3.20 -8.04 -7.11
CA ASP D 127 3.97 -7.86 -5.89
C ASP D 127 3.82 -9.12 -5.03
N ALA D 128 4.86 -9.41 -4.21
CA ALA D 128 5.03 -10.57 -3.34
C ALA D 128 5.42 -11.83 -4.16
N GLU D 129 5.92 -11.62 -5.40
CA GLU D 129 6.43 -12.72 -6.23
C GLU D 129 7.80 -13.12 -5.67
N VAL D 130 7.97 -14.44 -5.42
CA VAL D 130 9.21 -14.97 -4.86
C VAL D 130 10.18 -15.25 -6.02
N LEU D 131 11.39 -14.69 -5.91
CA LEU D 131 12.45 -14.82 -6.91
C LEU D 131 13.45 -15.85 -6.46
N THR D 132 14.01 -16.62 -7.40
CA THR D 132 15.03 -17.63 -7.07
C THR D 132 16.38 -16.90 -6.88
N PHE D 133 17.25 -17.44 -6.01
CA PHE D 133 18.55 -16.82 -5.82
C PHE D 133 19.49 -17.10 -6.98
N HIS D 134 19.31 -18.23 -7.63
CA HIS D 134 20.19 -18.67 -8.71
C HIS D 134 19.64 -18.33 -10.12
N GLY D 135 18.33 -18.15 -10.28
CA GLY D 135 17.70 -17.91 -11.58
C GLY D 135 17.32 -16.50 -11.95
N THR D 136 17.51 -15.55 -11.03
CA THR D 136 17.20 -14.14 -11.30
C THR D 136 18.41 -13.27 -11.11
N ALA D 137 18.45 -12.10 -11.79
CA ALA D 137 19.53 -11.12 -11.61
C ALA D 137 19.46 -10.58 -10.17
N SER D 138 18.24 -10.32 -9.67
CA SER D 138 17.97 -9.85 -8.32
C SER D 138 18.51 -10.82 -7.27
N GLY D 139 18.23 -12.11 -7.46
CA GLY D 139 18.72 -13.18 -6.60
C GLY D 139 20.22 -13.30 -6.57
N LEU D 140 20.89 -13.18 -7.75
CA LEU D 140 22.35 -13.24 -7.87
C LEU D 140 22.99 -12.02 -7.20
N ALA D 141 22.38 -10.84 -7.36
CA ALA D 141 22.87 -9.60 -6.76
C ALA D 141 22.87 -9.71 -5.20
N VAL D 142 21.79 -10.29 -4.63
CA VAL D 142 21.60 -10.48 -3.19
C VAL D 142 22.53 -11.61 -2.69
N LEU D 143 22.60 -12.75 -3.42
CA LEU D 143 23.43 -13.90 -3.07
C LEU D 143 24.90 -13.50 -3.03
N ALA D 144 25.36 -12.65 -3.99
CA ALA D 144 26.76 -12.20 -4.08
C ALA D 144 27.23 -11.42 -2.84
N TYR D 145 26.29 -10.82 -2.07
CA TYR D 145 26.62 -10.02 -0.89
C TYR D 145 25.97 -10.60 0.39
N SER D 146 25.65 -11.89 0.35
CA SER D 146 25.12 -12.66 1.48
C SER D 146 26.26 -13.38 2.23
N GLU D 147 26.00 -13.85 3.47
CA GLU D 147 26.97 -14.58 4.30
C GLU D 147 27.42 -15.87 3.63
N PRO D 148 28.73 -16.22 3.69
CA PRO D 148 29.20 -17.46 3.04
C PRO D 148 28.38 -18.70 3.40
N SER D 149 27.91 -18.78 4.68
CA SER D 149 27.07 -19.89 5.17
C SER D 149 25.70 -19.91 4.46
N PHE D 150 25.13 -18.73 4.16
CA PHE D 150 23.85 -18.61 3.46
C PHE D 150 24.00 -19.06 2.01
N VAL D 151 25.10 -18.64 1.35
CA VAL D 151 25.44 -19.02 -0.02
C VAL D 151 25.63 -20.54 -0.07
N ASP D 152 26.36 -21.12 0.93
CA ASP D 152 26.64 -22.56 1.07
C ASP D 152 25.34 -23.36 1.17
N ALA D 153 24.39 -22.87 2.01
CA ALA D 153 23.07 -23.47 2.23
C ALA D 153 22.24 -23.48 0.94
N VAL D 154 22.13 -22.33 0.24
CA VAL D 154 21.38 -22.13 -1.00
C VAL D 154 21.92 -23.06 -2.10
N LEU D 155 23.25 -23.20 -2.20
CA LEU D 155 23.89 -24.01 -3.22
C LEU D 155 23.96 -25.52 -2.88
N ALA D 156 23.79 -25.90 -1.60
CA ALA D 156 23.77 -27.32 -1.21
C ALA D 156 22.44 -27.95 -1.62
N ALA D 157 21.34 -27.19 -1.45
CA ALA D 157 19.99 -27.60 -1.81
C ALA D 157 19.86 -27.65 -3.34
N PRO D 158 19.27 -28.74 -3.92
CA PRO D 158 19.15 -28.82 -5.40
C PRO D 158 18.50 -27.57 -5.99
N LEU D 159 19.07 -27.10 -7.11
CA LEU D 159 18.63 -25.89 -7.80
C LEU D 159 17.64 -26.23 -8.91
N THR D 160 16.40 -25.73 -8.75
CA THR D 160 15.29 -25.97 -9.66
C THR D 160 15.46 -25.18 -10.95
N ALA D 161 15.17 -25.84 -12.07
CA ALA D 161 15.23 -25.22 -13.38
C ALA D 161 13.82 -24.79 -13.78
N ARG D 162 13.51 -23.50 -13.57
CA ARG D 162 12.20 -22.91 -13.90
C ARG D 162 11.99 -22.88 -15.42
N THR D 163 13.08 -22.60 -16.16
CA THR D 163 13.12 -22.54 -17.62
C THR D 163 14.29 -23.43 -18.11
N PRO D 164 14.40 -23.80 -19.41
CA PRO D 164 15.57 -24.59 -19.85
C PRO D 164 16.89 -23.81 -19.80
N GLN D 165 16.84 -22.47 -19.59
CA GLN D 165 18.01 -21.58 -19.53
C GLN D 165 18.53 -21.36 -18.09
N THR D 166 17.77 -21.80 -17.06
CA THR D 166 18.15 -21.65 -15.64
C THR D 166 19.45 -22.39 -15.33
N GLN D 167 20.43 -21.66 -14.74
CA GLN D 167 21.73 -22.21 -14.35
C GLN D 167 21.57 -23.04 -13.06
N THR D 168 21.86 -24.35 -13.15
CA THR D 168 21.66 -25.32 -12.08
C THR D 168 23.04 -25.88 -11.54
N ASP D 169 24.17 -25.56 -12.21
CA ASP D 169 25.51 -25.96 -11.73
C ASP D 169 25.94 -25.02 -10.59
N PRO D 170 26.16 -25.53 -9.35
CA PRO D 170 26.55 -24.64 -8.25
C PRO D 170 27.90 -23.93 -8.47
N ALA D 171 28.83 -24.58 -9.19
CA ALA D 171 30.15 -24.00 -9.54
C ALA D 171 29.97 -22.81 -10.50
N ALA D 172 29.01 -22.94 -11.44
CA ALA D 172 28.68 -21.89 -12.40
C ALA D 172 28.01 -20.73 -11.70
N ILE D 173 27.22 -20.98 -10.63
CA ILE D 173 26.55 -19.93 -9.84
C ILE D 173 27.63 -19.16 -9.04
N ARG D 174 28.64 -19.88 -8.52
CA ARG D 174 29.76 -19.28 -7.76
C ARG D 174 30.61 -18.40 -8.67
N ALA D 175 30.73 -18.79 -9.94
CA ALA D 175 31.49 -18.05 -10.95
C ALA D 175 30.75 -16.76 -11.31
N GLU D 176 29.41 -16.83 -11.40
CA GLU D 176 28.52 -15.71 -11.68
C GLU D 176 28.52 -14.72 -10.51
N ILE D 177 28.45 -15.23 -9.23
CA ILE D 177 28.53 -14.45 -7.99
C ILE D 177 29.83 -13.60 -8.01
N ALA D 178 30.96 -14.21 -8.44
CA ALA D 178 32.28 -13.56 -8.50
C ALA D 178 32.29 -12.39 -9.51
N GLU D 179 31.56 -12.56 -10.63
CA GLU D 179 31.44 -11.54 -11.66
C GLU D 179 30.63 -10.35 -11.13
N VAL D 180 29.61 -10.64 -10.31
CA VAL D 180 28.74 -9.64 -9.67
C VAL D 180 29.55 -8.86 -8.67
N ARG D 181 30.43 -9.52 -7.91
CA ARG D 181 31.20 -8.86 -6.88
C ARG D 181 32.27 -7.97 -7.50
N ARG D 182 32.83 -8.42 -8.65
CA ARG D 182 33.82 -7.70 -9.44
C ARG D 182 33.22 -6.43 -10.06
N THR D 183 32.00 -6.53 -10.61
CA THR D 183 31.33 -5.45 -11.34
C THR D 183 30.21 -4.69 -10.58
N GLY D 184 29.67 -5.26 -9.53
CA GLY D 184 28.60 -4.63 -8.75
C GLY D 184 27.25 -4.65 -9.44
N LEU D 185 27.12 -5.49 -10.48
CA LEU D 185 25.92 -5.64 -11.27
C LEU D 185 25.74 -7.08 -11.66
N ALA D 186 24.49 -7.57 -11.59
CA ALA D 186 24.11 -8.91 -11.99
C ALA D 186 23.23 -8.86 -13.23
N GLN D 187 23.41 -9.82 -14.12
CA GLN D 187 22.61 -9.99 -15.33
C GLN D 187 22.08 -11.42 -15.40
N SER D 188 20.88 -11.61 -15.93
CA SER D 188 20.27 -12.92 -16.12
C SER D 188 19.37 -12.90 -17.33
N ILE D 189 19.57 -13.85 -18.25
CA ILE D 189 18.77 -13.96 -19.47
C ILE D 189 17.96 -15.23 -19.39
N GLY D 190 16.65 -15.06 -19.24
CA GLY D 190 15.66 -16.12 -19.20
C GLY D 190 15.84 -17.28 -18.23
N GLY D 191 16.36 -17.01 -17.03
CA GLY D 191 16.54 -18.01 -15.96
C GLY D 191 15.32 -18.19 -15.07
N PHE D 192 14.46 -17.16 -15.00
CA PHE D 192 13.21 -17.14 -14.24
C PHE D 192 12.01 -17.19 -15.21
N GLU D 193 12.08 -16.37 -16.28
CA GLU D 193 11.09 -16.27 -17.34
C GLU D 193 11.81 -16.24 -18.67
N ALA D 194 11.41 -17.11 -19.62
CA ALA D 194 12.02 -17.15 -20.96
C ALA D 194 11.81 -15.81 -21.72
N GLU D 195 12.86 -15.36 -22.46
CA GLU D 195 12.88 -14.13 -23.28
C GLU D 195 12.79 -12.82 -22.43
N VAL D 196 13.27 -12.89 -21.18
CA VAL D 196 13.35 -11.73 -20.31
C VAL D 196 14.81 -11.53 -19.95
N HIS D 197 15.35 -10.36 -20.26
CA HIS D 197 16.72 -9.99 -19.95
C HIS D 197 16.69 -9.00 -18.79
N SER D 198 17.21 -9.41 -17.62
CA SER D 198 17.22 -8.59 -16.41
C SER D 198 18.63 -8.17 -15.98
N HIS D 199 18.70 -6.96 -15.40
CA HIS D 199 19.87 -6.32 -14.80
C HIS D 199 19.51 -5.98 -13.36
N ALA D 200 20.41 -6.25 -12.41
CA ALA D 200 20.14 -5.93 -11.02
C ALA D 200 21.39 -5.51 -10.25
N VAL D 201 21.19 -4.64 -9.27
CA VAL D 201 22.22 -4.14 -8.36
C VAL D 201 21.75 -4.41 -6.92
N PRO D 202 22.67 -4.72 -5.99
CA PRO D 202 22.24 -4.91 -4.59
C PRO D 202 21.94 -3.58 -3.91
N ILE D 203 20.97 -3.58 -2.98
CA ILE D 203 20.62 -2.38 -2.20
C ILE D 203 21.14 -2.62 -0.81
N PHE D 204 21.96 -1.68 -0.29
CA PHE D 204 22.57 -1.85 1.05
C PHE D 204 21.95 -0.91 2.06
N GLY D 205 21.74 -1.41 3.27
CA GLY D 205 21.19 -0.64 4.37
C GLY D 205 22.22 0.21 5.10
N PRO D 206 21.78 0.97 6.14
CA PRO D 206 22.73 1.82 6.89
C PRO D 206 23.94 1.08 7.50
N ASP D 207 23.78 -0.21 7.84
CA ASP D 207 24.85 -1.08 8.39
C ASP D 207 25.72 -1.73 7.28
N ARG D 208 25.49 -1.31 6.00
CA ARG D 208 26.18 -1.78 4.78
C ARG D 208 25.89 -3.26 4.46
N ALA D 209 24.82 -3.83 5.05
CA ALA D 209 24.42 -5.20 4.73
C ALA D 209 23.40 -5.16 3.58
N VAL D 210 23.46 -6.17 2.66
CA VAL D 210 22.51 -6.24 1.56
C VAL D 210 21.07 -6.39 2.12
N LEU D 211 20.17 -5.56 1.61
CA LEU D 211 18.80 -5.47 2.02
C LEU D 211 17.85 -6.13 1.03
N GLY D 212 18.26 -6.11 -0.24
CA GLY D 212 17.55 -6.61 -1.40
C GLY D 212 18.23 -6.18 -2.69
N ALA D 213 17.44 -6.08 -3.79
CA ALA D 213 17.95 -5.71 -5.10
C ALA D 213 16.99 -4.82 -5.86
N LEU D 214 17.55 -3.89 -6.64
CA LEU D 214 16.84 -3.00 -7.55
C LEU D 214 17.12 -3.55 -8.96
N ALA D 215 16.06 -3.81 -9.74
CA ALA D 215 16.25 -4.43 -11.06
C ALA D 215 15.48 -3.75 -12.21
N VAL D 216 16.00 -3.94 -13.46
CA VAL D 216 15.42 -3.56 -14.74
C VAL D 216 15.13 -4.88 -15.46
N ALA D 217 13.84 -5.16 -15.75
CA ALA D 217 13.41 -6.40 -16.45
C ALA D 217 12.87 -6.03 -17.82
N ALA D 218 13.55 -6.51 -18.88
CA ALA D 218 13.23 -6.13 -20.25
C ALA D 218 13.04 -7.32 -21.17
N PRO D 219 12.23 -7.19 -22.26
CA PRO D 219 12.16 -8.29 -23.24
C PRO D 219 13.50 -8.41 -23.94
N THR D 220 13.94 -9.63 -24.22
CA THR D 220 15.17 -9.89 -24.95
C THR D 220 15.14 -9.15 -26.31
N SER D 221 13.97 -9.14 -27.02
CA SER D 221 13.78 -8.48 -28.30
C SER D 221 14.14 -6.97 -28.29
N ARG D 222 14.13 -6.32 -27.10
CA ARG D 222 14.40 -4.88 -26.95
C ARG D 222 15.78 -4.61 -26.37
N MSE D 223 16.58 -5.67 -26.13
CA MSE D 223 17.92 -5.54 -25.56
C MSE D 223 18.91 -5.24 -26.71
O MSE D 223 19.67 -6.08 -27.16
CB MSE D 223 18.32 -6.81 -24.74
CG MSE D 223 19.39 -6.51 -23.72
SE MSE D 223 18.76 -5.09 -22.48
CE MSE D 223 20.34 -4.54 -21.97
N THR D 224 18.82 -4.00 -27.22
CA THR D 224 19.63 -3.47 -28.31
C THR D 224 21.01 -3.08 -27.81
N PRO D 225 21.99 -2.82 -28.73
CA PRO D 225 23.32 -2.35 -28.28
C PRO D 225 23.23 -1.11 -27.39
N ASP D 226 22.36 -0.15 -27.74
CA ASP D 226 22.15 1.08 -26.96
C ASP D 226 21.60 0.78 -25.58
N GLN D 227 20.60 -0.13 -25.46
CA GLN D 227 20.00 -0.53 -24.18
C GLN D 227 21.01 -1.27 -23.29
N LYS D 228 21.84 -2.14 -23.89
CA LYS D 228 22.90 -2.89 -23.19
C LYS D 228 23.91 -1.97 -22.55
N ARG D 229 24.10 -0.79 -23.18
CA ARG D 229 25.06 0.25 -22.83
C ARG D 229 24.47 1.23 -21.81
N THR D 230 23.16 1.56 -21.93
CA THR D 230 22.47 2.57 -21.12
C THR D 230 21.83 2.04 -19.85
N ILE D 231 21.33 0.80 -19.82
CA ILE D 231 20.67 0.27 -18.62
C ILE D 231 21.69 0.18 -17.45
N PRO D 232 22.89 -0.45 -17.57
CA PRO D 232 23.80 -0.51 -16.40
C PRO D 232 24.15 0.84 -15.73
N PRO D 233 24.58 1.94 -16.43
CA PRO D 233 24.80 3.22 -15.71
C PRO D 233 23.55 3.79 -15.05
N ALA D 234 22.39 3.70 -15.72
CA ALA D 234 21.11 4.20 -15.19
C ALA D 234 20.68 3.43 -13.96
N LEU D 235 20.81 2.09 -13.96
CA LEU D 235 20.47 1.23 -12.83
C LEU D 235 21.42 1.46 -11.64
N ARG D 236 22.75 1.55 -11.89
CA ARG D 236 23.76 1.82 -10.85
C ARG D 236 23.45 3.12 -10.11
N ALA D 237 23.14 4.18 -10.86
CA ALA D 237 22.79 5.50 -10.32
C ALA D 237 21.51 5.45 -9.47
N ALA D 238 20.45 4.78 -9.98
CA ALA D 238 19.18 4.62 -9.28
C ALA D 238 19.37 3.81 -7.97
N GLY D 239 20.28 2.84 -8.02
CA GLY D 239 20.67 2.04 -6.87
C GLY D 239 21.31 2.87 -5.78
N LEU D 240 22.32 3.72 -6.11
CA LEU D 240 22.96 4.61 -5.12
C LEU D 240 21.94 5.63 -4.56
N SER D 241 21.06 6.14 -5.42
CA SER D 241 20.01 7.08 -5.06
C SER D 241 19.03 6.48 -4.03
N LEU D 242 18.65 5.19 -4.18
CA LEU D 242 17.75 4.53 -3.25
C LEU D 242 18.46 4.28 -1.94
N THR D 243 19.74 3.86 -2.02
CA THR D 243 20.60 3.61 -0.87
C THR D 243 20.68 4.91 -0.02
N GLU D 244 20.82 6.08 -0.66
CA GLU D 244 20.86 7.39 -0.02
C GLU D 244 19.51 7.74 0.67
N ARG D 245 18.36 7.36 0.08
CA ARG D 245 17.03 7.65 0.60
C ARG D 245 16.70 6.86 1.87
N ILE D 246 17.42 5.75 2.11
CA ILE D 246 17.23 4.92 3.29
C ILE D 246 18.47 5.01 4.22
N GLY D 247 19.36 5.98 3.95
CA GLY D 247 20.57 6.20 4.74
C GLY D 247 21.59 5.07 4.66
N GLY D 248 21.56 4.33 3.56
CA GLY D 248 22.43 3.20 3.34
C GLY D 248 23.84 3.55 2.95
N ALA D 249 24.73 2.58 3.09
CA ALA D 249 26.15 2.72 2.73
C ALA D 249 26.64 1.44 2.09
N CYS D 250 27.52 1.53 1.09
CA CYS D 250 28.10 0.39 0.39
C CYS D 250 29.27 -0.19 1.18
N PRO D 251 29.43 -1.53 1.22
CA PRO D 251 30.60 -2.09 1.91
C PRO D 251 31.85 -1.95 1.03
N PRO D 252 33.11 -2.04 1.55
CA PRO D 252 34.29 -1.87 0.66
C PRO D 252 34.36 -2.89 -0.48
N GLU D 253 33.85 -4.12 -0.23
CA GLU D 253 33.79 -5.26 -1.18
C GLU D 253 32.85 -4.98 -2.39
N PHE D 254 32.13 -3.84 -2.39
CA PHE D 254 31.25 -3.42 -3.48
C PHE D 254 31.95 -2.34 -4.35
N PRO D 255 32.13 -2.56 -5.67
CA PRO D 255 32.83 -1.57 -6.48
C PRO D 255 32.00 -0.35 -6.84
N THR D 256 32.62 0.85 -6.69
CA THR D 256 32.03 2.17 -6.99
C THR D 256 32.99 2.96 -7.89
C1 EDO E . -4.94 -1.53 -29.15
O1 EDO E . -3.51 -1.45 -28.98
C2 EDO E . -5.29 -1.65 -30.63
O2 EDO E . -6.52 -2.40 -30.80
C1 EDO F . -23.13 -1.65 -22.91
O1 EDO F . -23.93 -1.95 -21.75
C2 EDO F . -23.60 -2.49 -24.09
O2 EDO F . -24.69 -1.79 -24.70
C1 EDO G . 6.61 -0.07 31.00
O1 EDO G . 8.04 -0.37 31.02
C2 EDO G . 6.05 0.19 29.59
O2 EDO G . 4.62 0.15 29.59
C1 EDO H . 20.21 21.17 22.17
O1 EDO H . 20.62 21.86 23.37
C2 EDO H . 19.21 20.07 22.53
O2 EDO H . 18.48 19.64 21.39
C1 EDO I . 1.22 -17.65 28.53
O1 EDO I . 1.39 -18.26 27.23
C2 EDO I . 1.17 -16.13 28.40
O2 EDO I . 2.19 -15.63 27.52
#